data_3VRD
#
_entry.id   3VRD
#
_cell.length_a   140.617
_cell.length_b   140.617
_cell.length_c   57.720
_cell.angle_alpha   90.00
_cell.angle_beta   90.00
_cell.angle_gamma   90.00
#
_symmetry.space_group_name_H-M   'I 4'
#
loop_
_entity.id
_entity.type
_entity.pdbx_description
1 polymer 'Flavocytochrome c heme subunit'
2 polymer 'Flavocytochrome c flavin subunit'
3 non-polymer 'HEME C'
4 non-polymer GLYCEROL
5 non-polymer 'NITRATE ION'
6 non-polymer 'FLAVIN-ADENINE DINUCLEOTIDE'
7 water water
#
loop_
_entity_poly.entity_id
_entity_poly.type
_entity_poly.pdbx_seq_one_letter_code
_entity_poly.pdbx_strand_id
1 'polypeptide(L)'
;EPTAEMLANNCAGCHGTRGNSAGPASPSIAQMDPAVFVEVMEQFKSGEIQSTIMGRIAKGYSTADFQKMAEYFKQQTYQP
VKQSFDKALVAKGTKLHDKYCEKCHVESGKPLADQDEYHILAGQWTPYLRYAIEDFRAERRPMEKKMASKLKELLKAEGE
DGLDALFAFYASQQ
;
A
2 'polypeptide(L)'
;AGRKVVVVGGGTGGATAAKYIKLADPSIEVTLIEPNETYYTCYMSNEVIGGDRELASLRVGYDGLRAHGIQVVHDSALGI
DPDKKLVKTAGGAEFAYDRCVVAPGIDLLYDKIEGYSEALAAKLPHAWKAGEQTALLRRQLESMDDGGVVIIAPPAPPFR
(CSS)PPGPYERASQIAHYLKAHKSKSKVIILDNSQTFSKQAQFTKGWERLYGFGTENALIEWHPGPDAAVVKTDTEAMT
VETSFGETFKAAVINLIPPQRAGKIAQSASLTNDSGWCPVDIRTFESSLQPGIHVIGDACNAAPMPKSAYSANSQAKVAA
AAVVALLKGEEPGTPSYLNT(CSS)YSILAPGYGISIAAVYRPNAEGKAIEAVPDSGGITPVDAPDWVLEREVQYAHSWY
NNIVHDTFG
;
B
#
loop_
_chem_comp.id
_chem_comp.type
_chem_comp.name
_chem_comp.formula
FAD non-polymer 'FLAVIN-ADENINE DINUCLEOTIDE' 'C27 H33 N9 O15 P2'
GOL non-polymer GLYCEROL 'C3 H8 O3'
HEC non-polymer 'HEME C' 'C34 H34 Fe N4 O4'
NO3 non-polymer 'NITRATE ION' 'N O3 -1'
#
# COMPACT_ATOMS: atom_id res chain seq x y z
N GLU A 1 13.41 -14.16 -17.95
CA GLU A 1 11.94 -14.15 -17.59
C GLU A 1 11.87 -14.22 -16.05
N PRO A 2 10.86 -13.52 -15.46
CA PRO A 2 10.86 -13.54 -13.99
C PRO A 2 10.58 -14.93 -13.40
N THR A 3 11.18 -15.25 -12.25
CA THR A 3 10.89 -16.50 -11.56
C THR A 3 9.56 -16.44 -10.90
N ALA A 4 9.04 -17.65 -10.57
CA ALA A 4 7.76 -17.63 -9.82
C ALA A 4 7.76 -16.72 -8.62
N GLU A 5 8.87 -16.71 -7.87
CA GLU A 5 8.85 -15.92 -6.62
C GLU A 5 8.96 -14.40 -7.01
N MET A 6 9.70 -14.03 -8.02
CA MET A 6 9.81 -12.64 -8.44
C MET A 6 8.38 -12.14 -8.85
N LEU A 7 7.55 -13.02 -9.49
CA LEU A 7 6.22 -12.69 -9.90
C LEU A 7 5.33 -12.66 -8.64
N ALA A 8 5.36 -13.70 -7.81
CA ALA A 8 4.34 -13.79 -6.75
C ALA A 8 4.63 -12.96 -5.57
N ASN A 9 5.89 -12.56 -5.36
CA ASN A 9 6.12 -11.82 -4.08
C ASN A 9 5.49 -10.47 -4.12
N ASN A 10 5.13 -9.97 -5.28
CA ASN A 10 4.39 -8.65 -5.36
C ASN A 10 2.95 -8.82 -4.95
N CYS A 11 2.45 -10.05 -4.77
CA CYS A 11 1.02 -10.13 -4.43
C CYS A 11 0.79 -9.96 -2.92
N ALA A 12 1.85 -10.04 -2.16
CA ALA A 12 1.75 -10.13 -0.69
C ALA A 12 1.19 -8.83 -0.09
N GLY A 13 1.40 -7.72 -0.77
CA GLY A 13 0.89 -6.42 -0.23
C GLY A 13 -0.65 -6.51 -0.05
N CYS A 14 -1.39 -7.15 -0.94
CA CYS A 14 -2.81 -7.34 -0.75
C CYS A 14 -3.26 -8.71 -0.19
N HIS A 15 -2.46 -9.77 -0.45
CA HIS A 15 -2.91 -11.14 0.02
C HIS A 15 -2.09 -11.72 1.16
N GLY A 16 -1.04 -11.00 1.61
CA GLY A 16 -0.25 -11.46 2.74
C GLY A 16 0.96 -12.27 2.24
N THR A 17 1.99 -12.29 3.06
CA THR A 17 3.11 -13.18 2.73
C THR A 17 2.60 -14.63 2.53
N ARG A 18 3.11 -15.28 1.48
CA ARG A 18 2.80 -16.66 1.08
C ARG A 18 1.35 -16.85 0.77
N GLY A 19 0.60 -15.73 0.67
CA GLY A 19 -0.83 -15.90 0.32
C GLY A 19 -1.68 -16.05 1.56
N ASN A 20 -1.18 -15.87 2.79
CA ASN A 20 -2.05 -15.92 3.97
C ASN A 20 -2.40 -14.50 4.42
N SER A 21 -3.63 -14.13 4.20
CA SER A 21 -3.99 -12.69 4.33
C SER A 21 -4.43 -12.38 5.75
N ALA A 22 -4.03 -11.21 6.22
CA ALA A 22 -4.31 -10.74 7.59
C ALA A 22 -5.69 -10.12 7.62
N GLY A 23 -6.44 -10.09 6.49
CA GLY A 23 -7.81 -9.56 6.48
C GLY A 23 -7.81 -8.05 6.59
N PRO A 24 -8.99 -7.44 6.66
CA PRO A 24 -10.25 -8.15 7.04
C PRO A 24 -10.98 -8.80 5.85
N ALA A 25 -10.58 -8.50 4.64
CA ALA A 25 -11.43 -8.90 3.51
C ALA A 25 -10.63 -9.48 2.35
N SER A 26 -9.42 -9.02 2.07
CA SER A 26 -8.74 -9.58 0.87
C SER A 26 -8.47 -11.06 1.09
N PRO A 27 -8.74 -11.92 0.09
CA PRO A 27 -8.78 -13.37 0.40
C PRO A 27 -7.37 -13.97 0.62
N SER A 28 -7.31 -14.95 1.48
CA SER A 28 -6.13 -15.85 1.41
C SER A 28 -6.13 -16.68 0.14
N ILE A 29 -4.96 -16.82 -0.45
CA ILE A 29 -4.82 -17.59 -1.68
C ILE A 29 -3.80 -18.70 -1.52
N ALA A 30 -3.20 -18.76 -0.34
CA ALA A 30 -2.28 -19.90 -0.11
C ALA A 30 -2.96 -21.25 -0.39
N GLN A 31 -2.21 -22.14 -1.09
CA GLN A 31 -2.62 -23.61 -1.23
C GLN A 31 -3.80 -23.71 -2.15
N MET A 32 -4.08 -22.70 -2.99
CA MET A 32 -5.17 -22.87 -3.89
C MET A 32 -4.80 -23.98 -4.89
N ASP A 33 -5.83 -24.65 -5.39
CA ASP A 33 -5.61 -25.56 -6.50
C ASP A 33 -5.11 -24.86 -7.70
N PRO A 34 -4.06 -25.36 -8.36
CA PRO A 34 -3.44 -24.59 -9.43
C PRO A 34 -4.35 -24.40 -10.66
N ALA A 35 -5.19 -25.39 -10.96
CA ALA A 35 -6.10 -25.16 -12.09
C ALA A 35 -7.18 -24.09 -11.78
N VAL A 36 -7.69 -24.15 -10.56
CA VAL A 36 -8.58 -23.09 -10.02
C VAL A 36 -7.91 -21.72 -10.11
N PHE A 37 -6.67 -21.62 -9.59
CA PHE A 37 -5.99 -20.38 -9.59
C PHE A 37 -5.83 -19.82 -10.98
N VAL A 38 -5.33 -20.62 -11.95
CA VAL A 38 -5.04 -20.13 -13.28
C VAL A 38 -6.36 -19.70 -13.89
N GLU A 39 -7.39 -20.53 -13.71
CA GLU A 39 -8.68 -20.13 -14.34
C GLU A 39 -9.23 -18.79 -13.77
N VAL A 40 -9.12 -18.60 -12.46
CA VAL A 40 -9.69 -17.39 -11.91
C VAL A 40 -8.88 -16.15 -12.38
N MET A 41 -7.56 -16.29 -12.46
CA MET A 41 -6.74 -15.21 -12.97
C MET A 41 -7.13 -14.87 -14.41
N GLU A 42 -7.25 -15.94 -15.27
CA GLU A 42 -7.67 -15.67 -16.63
C GLU A 42 -9.04 -15.02 -16.74
N GLN A 43 -9.95 -15.36 -15.85
CA GLN A 43 -11.25 -14.74 -15.94
C GLN A 43 -11.32 -13.30 -15.37
N PHE A 44 -10.41 -13.02 -14.45
CA PHE A 44 -10.32 -11.59 -14.02
C PHE A 44 -9.74 -10.76 -15.19
N LYS A 45 -8.74 -11.33 -15.85
CA LYS A 45 -8.05 -10.68 -16.92
C LYS A 45 -8.97 -10.42 -18.15
N SER A 46 -9.82 -11.41 -18.45
CA SER A 46 -10.69 -11.19 -19.62
C SER A 46 -11.88 -10.38 -19.25
N GLY A 47 -12.10 -10.16 -17.97
CA GLY A 47 -13.34 -9.39 -17.55
C GLY A 47 -14.59 -10.28 -17.39
N GLU A 48 -14.44 -11.60 -17.57
CA GLU A 48 -15.55 -12.55 -17.24
C GLU A 48 -15.99 -12.50 -15.80
N ILE A 49 -15.03 -12.28 -14.91
CA ILE A 49 -15.32 -12.02 -13.51
C ILE A 49 -15.17 -10.48 -13.30
N GLN A 50 -16.21 -9.80 -12.84
CA GLN A 50 -16.08 -8.39 -12.62
C GLN A 50 -15.33 -8.23 -11.25
N SER A 51 -14.60 -7.15 -11.10
CA SER A 51 -13.73 -7.13 -9.92
C SER A 51 -13.50 -5.64 -9.54
N THR A 52 -13.08 -5.45 -8.28
CA THR A 52 -12.69 -4.04 -7.92
C THR A 52 -11.30 -3.74 -8.50
N ILE A 53 -10.37 -4.71 -8.50
CA ILE A 53 -9.00 -4.37 -8.94
C ILE A 53 -8.29 -5.56 -9.56
N MET A 54 -8.75 -6.79 -9.36
CA MET A 54 -8.00 -7.90 -9.95
C MET A 54 -7.99 -7.91 -11.46
N GLY A 55 -8.99 -7.40 -12.15
CA GLY A 55 -8.81 -7.31 -13.61
C GLY A 55 -7.67 -6.39 -14.01
N ARG A 56 -7.57 -5.24 -13.33
CA ARG A 56 -6.46 -4.34 -13.59
C ARG A 56 -5.11 -5.03 -13.30
N ILE A 57 -5.05 -5.89 -12.27
CA ILE A 57 -3.78 -6.51 -11.93
C ILE A 57 -3.48 -7.67 -12.91
N ALA A 58 -4.45 -8.58 -13.03
CA ALA A 58 -4.18 -9.80 -13.84
C ALA A 58 -3.87 -9.44 -15.27
N LYS A 59 -4.46 -8.36 -15.83
CA LYS A 59 -4.06 -7.86 -17.19
C LYS A 59 -2.56 -7.59 -17.39
N GLY A 60 -1.84 -7.43 -16.31
CA GLY A 60 -0.38 -7.20 -16.33
C GLY A 60 0.47 -8.48 -16.52
N TYR A 61 -0.16 -9.66 -16.61
CA TYR A 61 0.53 -10.92 -16.64
C TYR A 61 0.09 -11.79 -17.73
N SER A 62 1.00 -12.74 -18.11
CA SER A 62 0.66 -13.78 -19.14
C SER A 62 0.11 -15.03 -18.55
N THR A 63 -0.37 -15.94 -19.42
CA THR A 63 -0.73 -17.28 -18.99
C THR A 63 0.44 -18.04 -18.27
N ALA A 64 1.63 -17.92 -18.87
CA ALA A 64 2.76 -18.63 -18.30
C ALA A 64 3.07 -18.08 -16.90
N ASP A 65 2.92 -16.73 -16.72
CA ASP A 65 3.14 -16.12 -15.41
C ASP A 65 2.06 -16.65 -14.39
N PHE A 66 0.82 -16.80 -14.86
CA PHE A 66 -0.24 -17.38 -13.96
C PHE A 66 0.11 -18.82 -13.58
N GLN A 67 0.67 -19.62 -14.56
CA GLN A 67 0.96 -20.99 -14.22
C GLN A 67 2.17 -21.04 -13.24
N LYS A 68 3.14 -20.14 -13.37
CA LYS A 68 4.28 -20.08 -12.37
C LYS A 68 3.76 -19.71 -11.01
N MET A 69 2.91 -18.64 -10.98
CA MET A 69 2.37 -18.22 -9.72
C MET A 69 1.48 -19.30 -9.07
N ALA A 70 0.72 -20.05 -9.88
CA ALA A 70 -0.10 -21.12 -9.33
C ALA A 70 0.72 -22.17 -8.62
N GLU A 71 1.88 -22.49 -9.25
CA GLU A 71 2.81 -23.42 -8.53
C GLU A 71 3.29 -22.90 -7.18
N TYR A 72 3.61 -21.58 -7.16
CA TYR A 72 4.09 -21.00 -5.93
C TYR A 72 3.04 -21.07 -4.84
N PHE A 73 1.81 -20.70 -5.20
CA PHE A 73 0.82 -20.66 -4.18
C PHE A 73 0.37 -22.07 -3.71
N LYS A 74 0.33 -22.98 -4.63
CA LYS A 74 -0.04 -24.37 -4.34
CA LYS A 74 -0.08 -24.33 -4.29
C LYS A 74 0.94 -24.94 -3.31
N GLN A 75 2.22 -24.54 -3.41
CA GLN A 75 3.22 -25.02 -2.44
C GLN A 75 3.15 -24.42 -1.08
N GLN A 76 2.34 -23.37 -0.89
CA GLN A 76 2.19 -22.82 0.44
C GLN A 76 1.20 -23.54 1.32
N THR A 77 1.25 -23.35 2.63
CA THR A 77 0.33 -24.02 3.49
C THR A 77 -0.83 -23.06 3.91
N TYR A 78 -2.07 -23.36 3.50
CA TYR A 78 -3.15 -22.49 3.91
C TYR A 78 -3.40 -22.52 5.40
N GLN A 79 -3.55 -21.33 6.02
CA GLN A 79 -3.86 -21.23 7.44
C GLN A 79 -5.32 -20.65 7.62
N PRO A 80 -6.31 -21.42 8.16
CA PRO A 80 -7.62 -20.87 8.48
C PRO A 80 -7.46 -19.67 9.31
N VAL A 81 -8.19 -18.60 8.99
CA VAL A 81 -7.91 -17.35 9.64
C VAL A 81 -8.52 -17.28 11.04
N LYS A 82 -7.85 -16.54 11.90
CA LYS A 82 -8.42 -16.21 13.21
C LYS A 82 -9.35 -15.00 13.07
N GLN A 83 -10.67 -15.30 13.07
CA GLN A 83 -11.60 -14.21 12.93
C GLN A 83 -12.78 -14.60 13.86
N SER A 84 -13.52 -13.61 14.23
CA SER A 84 -14.79 -13.83 14.95
C SER A 84 -15.86 -14.54 14.11
N PHE A 85 -16.82 -15.18 14.80
CA PHE A 85 -17.96 -15.77 14.10
C PHE A 85 -19.04 -15.91 15.13
N ASP A 86 -20.27 -16.11 14.65
CA ASP A 86 -21.43 -16.18 15.52
C ASP A 86 -21.62 -17.65 15.95
N LYS A 87 -21.14 -17.96 17.16
CA LYS A 87 -21.06 -19.34 17.57
C LYS A 87 -22.49 -20.00 17.67
N ALA A 88 -23.45 -19.18 18.06
CA ALA A 88 -24.88 -19.59 18.09
C ALA A 88 -25.38 -20.12 16.81
N LEU A 89 -24.76 -19.71 15.69
CA LEU A 89 -25.27 -20.17 14.39
C LEU A 89 -24.53 -21.31 13.81
N VAL A 90 -23.45 -21.74 14.44
CA VAL A 90 -22.69 -22.83 13.87
C VAL A 90 -23.33 -24.22 13.61
N ALA A 91 -24.22 -24.66 14.49
CA ALA A 91 -24.75 -25.97 14.20
C ALA A 91 -25.77 -25.91 13.04
N LYS A 92 -26.53 -24.84 12.95
CA LYS A 92 -27.43 -24.60 11.85
C LYS A 92 -26.62 -24.55 10.53
N GLY A 93 -25.51 -23.83 10.61
CA GLY A 93 -24.70 -23.75 9.38
C GLY A 93 -24.06 -25.02 8.95
N THR A 94 -23.70 -25.86 9.91
CA THR A 94 -23.18 -27.13 9.57
C THR A 94 -24.28 -27.93 8.76
N LYS A 95 -25.53 -27.85 9.27
CA LYS A 95 -26.58 -28.64 8.62
C LYS A 95 -26.87 -28.08 7.22
N LEU A 96 -26.85 -26.74 7.12
CA LEU A 96 -27.04 -26.17 5.77
C LEU A 96 -25.96 -26.54 4.76
N HIS A 97 -24.67 -26.48 5.20
CA HIS A 97 -23.59 -26.83 4.31
C HIS A 97 -23.73 -28.24 3.87
N ASP A 98 -24.04 -29.12 4.88
CA ASP A 98 -24.23 -30.56 4.59
C ASP A 98 -25.34 -30.84 3.58
N LYS A 99 -26.37 -30.05 3.63
CA LYS A 99 -27.55 -30.24 2.73
C LYS A 99 -27.35 -29.64 1.34
N TYR A 100 -26.62 -28.54 1.24
CA TYR A 100 -26.67 -27.76 -0.03
C TYR A 100 -25.30 -27.70 -0.73
N CYS A 101 -24.23 -27.84 0.05
CA CYS A 101 -22.90 -27.46 -0.57
C CYS A 101 -21.77 -28.49 -0.56
N GLU A 102 -21.85 -29.38 0.46
CA GLU A 102 -20.84 -30.42 0.70
C GLU A 102 -20.60 -31.33 -0.50
N LYS A 103 -21.64 -31.49 -1.35
CA LYS A 103 -21.46 -32.32 -2.50
C LYS A 103 -20.25 -31.93 -3.37
N CYS A 104 -20.02 -30.65 -3.44
CA CYS A 104 -18.91 -30.10 -4.27
C CYS A 104 -17.78 -29.52 -3.38
N HIS A 105 -18.13 -28.82 -2.30
CA HIS A 105 -17.18 -28.17 -1.34
C HIS A 105 -17.00 -29.23 -0.25
N VAL A 106 -16.18 -30.18 -0.62
CA VAL A 106 -16.01 -31.40 0.25
C VAL A 106 -15.19 -30.96 1.48
N GLU A 107 -15.67 -31.28 2.68
CA GLU A 107 -15.09 -30.77 3.93
C GLU A 107 -14.96 -29.25 3.84
N SER A 108 -15.99 -28.60 3.24
CA SER A 108 -15.92 -27.12 3.21
C SER A 108 -14.80 -26.61 2.25
N GLY A 109 -14.38 -27.40 1.30
CA GLY A 109 -13.48 -26.98 0.27
C GLY A 109 -12.04 -26.95 0.76
N LYS A 110 -11.73 -27.64 1.87
CA LYS A 110 -10.32 -27.58 2.38
C LYS A 110 -9.44 -28.19 1.33
N PRO A 111 -8.16 -27.79 1.25
CA PRO A 111 -7.18 -28.26 0.29
C PRO A 111 -6.66 -29.69 0.61
N LEU A 112 -7.52 -30.65 0.35
CA LEU A 112 -7.25 -32.07 0.68
C LEU A 112 -6.50 -32.71 -0.43
N ALA A 113 -5.56 -33.57 0.00
CA ALA A 113 -4.64 -34.24 -0.89
C ALA A 113 -5.38 -35.01 -1.98
N ASP A 114 -6.51 -35.62 -1.62
CA ASP A 114 -7.24 -36.36 -2.63
C ASP A 114 -8.45 -35.65 -3.24
N GLN A 115 -8.53 -34.31 -3.09
CA GLN A 115 -9.50 -33.52 -3.86
C GLN A 115 -8.74 -32.74 -4.96
N ASP A 116 -9.29 -32.76 -6.16
CA ASP A 116 -8.84 -31.83 -7.17
C ASP A 116 -9.89 -30.75 -7.38
N GLU A 117 -9.39 -29.54 -7.65
CA GLU A 117 -10.22 -28.41 -7.93
C GLU A 117 -11.21 -28.06 -6.85
N TYR A 118 -10.71 -28.09 -5.63
CA TYR A 118 -11.43 -27.58 -4.51
C TYR A 118 -11.40 -26.04 -4.49
N HIS A 119 -12.40 -25.49 -3.82
CA HIS A 119 -12.68 -24.02 -3.71
C HIS A 119 -12.86 -23.78 -2.23
N ILE A 120 -11.88 -23.12 -1.62
CA ILE A 120 -11.75 -23.16 -0.16
C ILE A 120 -12.78 -22.28 0.57
N LEU A 121 -13.68 -22.85 1.40
CA LEU A 121 -14.56 -21.99 2.12
C LEU A 121 -14.19 -21.87 3.63
N ALA A 122 -13.96 -23.06 4.20
CA ALA A 122 -13.51 -23.18 5.62
C ALA A 122 -12.32 -22.19 5.88
N GLY A 123 -12.44 -21.38 6.92
CA GLY A 123 -11.31 -20.52 7.39
C GLY A 123 -10.94 -19.42 6.45
N GLN A 124 -11.70 -19.19 5.41
CA GLN A 124 -11.50 -17.98 4.58
C GLN A 124 -12.14 -16.74 5.19
N TRP A 125 -11.63 -15.53 4.97
CA TRP A 125 -12.24 -14.33 5.46
C TRP A 125 -13.72 -14.22 5.19
N THR A 126 -14.50 -13.99 6.25
CA THR A 126 -15.97 -13.98 6.03
C THR A 126 -16.40 -12.86 5.11
N PRO A 127 -15.84 -11.64 5.22
CA PRO A 127 -16.31 -10.61 4.28
C PRO A 127 -16.04 -11.03 2.85
N TYR A 128 -14.94 -11.69 2.55
CA TYR A 128 -14.66 -12.13 1.17
C TYR A 128 -15.73 -13.14 0.72
N LEU A 129 -16.04 -14.12 1.57
CA LEU A 129 -17.09 -15.10 1.18
C LEU A 129 -18.42 -14.40 1.01
N ARG A 130 -18.73 -13.39 1.84
CA ARG A 130 -20.02 -12.61 1.62
C ARG A 130 -19.95 -11.90 0.25
N TYR A 131 -18.84 -11.19 -0.04
CA TYR A 131 -18.73 -10.58 -1.37
C TYR A 131 -18.81 -11.60 -2.48
N ALA A 132 -18.25 -12.80 -2.32
CA ALA A 132 -18.30 -13.75 -3.44
C ALA A 132 -19.74 -14.19 -3.66
N ILE A 133 -20.45 -14.53 -2.58
CA ILE A 133 -21.83 -14.97 -2.84
C ILE A 133 -22.68 -13.78 -3.33
N GLU A 134 -22.39 -12.55 -2.93
CA GLU A 134 -23.04 -11.33 -3.61
C GLU A 134 -22.77 -11.29 -5.10
N ASP A 135 -21.54 -11.62 -5.50
CA ASP A 135 -21.15 -11.61 -6.89
C ASP A 135 -21.87 -12.80 -7.66
N PHE A 136 -21.99 -13.96 -7.01
CA PHE A 136 -22.73 -15.06 -7.70
C PHE A 136 -24.17 -14.65 -7.88
N ARG A 137 -24.77 -14.16 -6.81
CA ARG A 137 -26.18 -13.75 -6.90
C ARG A 137 -26.45 -12.64 -7.88
N ALA A 138 -25.49 -11.70 -8.07
CA ALA A 138 -25.58 -10.72 -9.12
C ALA A 138 -25.16 -11.12 -10.53
N GLU A 139 -24.62 -12.33 -10.62
CA GLU A 139 -23.99 -12.85 -11.85
C GLU A 139 -22.84 -11.98 -12.33
N ARG A 140 -22.11 -11.46 -11.36
CA ARG A 140 -20.82 -10.79 -11.71
C ARG A 140 -19.71 -11.73 -11.98
N ARG A 141 -19.86 -13.00 -11.60
CA ARG A 141 -18.93 -14.05 -11.99
C ARG A 141 -19.80 -15.30 -12.19
N PRO A 142 -19.33 -16.16 -13.01
CA PRO A 142 -20.19 -17.32 -13.42
C PRO A 142 -20.15 -18.41 -12.33
N MET A 143 -21.23 -19.19 -12.29
CA MET A 143 -21.26 -20.39 -11.45
C MET A 143 -21.88 -21.53 -12.23
N GLU A 144 -21.45 -22.73 -11.89
CA GLU A 144 -22.05 -23.86 -12.55
C GLU A 144 -23.52 -23.82 -12.17
N LYS A 145 -24.34 -24.37 -13.08
CA LYS A 145 -25.74 -24.43 -12.83
C LYS A 145 -26.06 -25.26 -11.64
N LYS A 146 -25.30 -26.35 -11.42
CA LYS A 146 -25.53 -27.15 -10.21
C LYS A 146 -25.21 -26.42 -8.87
N MET A 147 -24.25 -25.45 -8.87
CA MET A 147 -24.14 -24.56 -7.66
C MET A 147 -25.27 -23.55 -7.57
N ALA A 148 -25.67 -23.02 -8.73
CA ALA A 148 -26.76 -22.04 -8.75
C ALA A 148 -28.02 -22.64 -8.17
N SER A 149 -28.37 -23.85 -8.59
CA SER A 149 -29.63 -24.32 -8.07
C SER A 149 -29.60 -24.58 -6.57
N LYS A 150 -28.46 -25.06 -6.05
CA LYS A 150 -28.35 -25.26 -4.58
C LYS A 150 -28.38 -23.96 -3.86
N LEU A 151 -27.65 -22.98 -4.40
CA LEU A 151 -27.71 -21.69 -3.68
C LEU A 151 -29.15 -21.13 -3.66
N LYS A 152 -29.84 -21.21 -4.82
CA LYS A 152 -31.24 -20.77 -4.92
C LYS A 152 -32.14 -21.56 -3.98
N GLU A 153 -31.97 -22.87 -3.93
CA GLU A 153 -32.74 -23.73 -3.00
C GLU A 153 -32.45 -23.40 -1.55
N LEU A 154 -31.16 -23.16 -1.17
CA LEU A 154 -30.89 -22.68 0.23
C LEU A 154 -31.61 -21.38 0.53
N LEU A 155 -31.53 -20.37 -0.37
CA LEU A 155 -32.16 -19.09 -0.13
C LEU A 155 -33.70 -19.22 -0.08
N LYS A 156 -34.27 -20.03 -0.99
CA LYS A 156 -35.76 -20.20 -1.01
C LYS A 156 -36.13 -20.87 0.34
N ALA A 157 -35.35 -21.83 0.81
CA ALA A 157 -35.68 -22.46 2.10
C ALA A 157 -35.31 -21.74 3.44
N GLU A 158 -34.25 -20.92 3.44
CA GLU A 158 -33.66 -20.41 4.72
C GLU A 158 -33.49 -18.89 4.74
N GLY A 159 -33.63 -18.22 3.59
CA GLY A 159 -33.34 -16.78 3.55
C GLY A 159 -31.90 -16.39 3.81
N GLU A 160 -31.75 -15.10 4.13
CA GLU A 160 -30.46 -14.45 4.41
C GLU A 160 -29.89 -15.05 5.70
N ASP A 161 -30.82 -15.37 6.62
CA ASP A 161 -30.37 -15.99 7.86
C ASP A 161 -29.64 -17.29 7.58
N GLY A 162 -29.97 -17.98 6.47
CA GLY A 162 -29.32 -19.23 6.08
C GLY A 162 -27.85 -18.92 5.67
N LEU A 163 -27.68 -17.85 4.96
CA LEU A 163 -26.30 -17.44 4.62
C LEU A 163 -25.53 -17.12 5.89
N ASP A 164 -26.11 -16.36 6.84
CA ASP A 164 -25.33 -15.99 8.06
C ASP A 164 -24.90 -17.22 8.72
N ALA A 165 -25.78 -18.24 8.75
CA ALA A 165 -25.37 -19.48 9.33
C ALA A 165 -24.24 -20.21 8.61
N LEU A 166 -24.29 -20.30 7.30
CA LEU A 166 -23.23 -20.91 6.55
C LEU A 166 -21.88 -20.18 6.83
N PHE A 167 -21.91 -18.83 6.81
CA PHE A 167 -20.65 -18.14 7.00
C PHE A 167 -20.11 -18.45 8.44
N ALA A 168 -20.95 -18.44 9.48
CA ALA A 168 -20.46 -18.73 10.82
C ALA A 168 -19.89 -20.12 10.86
N PHE A 169 -20.49 -21.08 10.20
CA PHE A 169 -19.90 -22.38 10.13
C PHE A 169 -18.51 -22.38 9.45
N TYR A 170 -18.40 -21.79 8.25
CA TYR A 170 -17.10 -21.82 7.61
C TYR A 170 -16.04 -21.11 8.45
N ALA A 171 -16.42 -20.05 9.15
CA ALA A 171 -15.44 -19.24 9.89
C ALA A 171 -15.06 -20.08 11.16
N SER A 172 -15.95 -20.96 11.66
CA SER A 172 -15.65 -21.61 12.91
C SER A 172 -14.57 -22.67 12.70
N GLN A 173 -14.20 -23.05 11.45
CA GLN A 173 -13.26 -24.05 11.10
C GLN A 173 -11.86 -23.44 11.11
N GLN A 174 -11.43 -23.10 12.32
CA GLN A 174 -10.10 -22.49 12.50
C GLN A 174 -9.37 -23.20 13.63
N GLY B 2 30.70 -16.33 4.01
CA GLY B 2 29.74 -15.44 4.78
C GLY B 2 30.06 -13.97 4.42
N ARG B 3 29.05 -13.25 3.89
CA ARG B 3 29.20 -11.90 3.29
C ARG B 3 28.35 -10.89 4.09
N LYS B 4 28.55 -9.60 3.87
CA LYS B 4 27.94 -8.60 4.79
C LYS B 4 27.10 -7.63 4.00
N VAL B 5 25.92 -7.28 4.53
CA VAL B 5 25.10 -6.20 3.93
C VAL B 5 24.70 -5.18 5.03
N VAL B 6 24.79 -3.90 4.73
CA VAL B 6 24.28 -2.92 5.65
C VAL B 6 23.17 -2.25 4.93
N VAL B 7 22.05 -2.06 5.64
CA VAL B 7 20.81 -1.38 5.15
C VAL B 7 20.75 -0.10 5.93
N VAL B 8 20.68 1.00 5.20
CA VAL B 8 20.52 2.32 5.82
C VAL B 8 19.09 2.75 5.64
N GLY B 9 18.37 2.76 6.77
CA GLY B 9 16.89 3.15 6.72
C GLY B 9 16.10 1.90 7.07
N GLY B 10 15.24 1.95 8.09
CA GLY B 10 14.35 0.85 8.40
C GLY B 10 12.88 1.16 8.20
N GLY B 11 12.57 1.97 7.21
CA GLY B 11 11.16 2.14 6.79
C GLY B 11 10.68 1.09 5.77
N THR B 12 9.75 1.46 4.89
CA THR B 12 9.14 0.36 4.13
C THR B 12 10.20 -0.25 3.20
N GLY B 13 11.03 0.59 2.55
CA GLY B 13 12.05 -0.04 1.63
C GLY B 13 13.12 -0.81 2.36
N GLY B 14 13.75 -0.21 3.34
CA GLY B 14 14.88 -0.85 4.03
C GLY B 14 14.47 -2.07 4.83
N ALA B 15 13.31 -2.01 5.51
CA ALA B 15 12.91 -3.25 6.27
C ALA B 15 12.57 -4.41 5.29
N THR B 16 11.84 -4.10 4.22
CA THR B 16 11.58 -5.10 3.20
C THR B 16 12.85 -5.68 2.63
N ALA B 17 13.81 -4.82 2.32
CA ALA B 17 15.02 -5.38 1.66
C ALA B 17 15.80 -6.23 2.71
N ALA B 18 15.94 -5.76 3.97
CA ALA B 18 16.68 -6.51 4.89
C ALA B 18 16.03 -7.88 5.13
N LYS B 19 14.68 -7.88 5.29
CA LYS B 19 13.98 -9.11 5.46
C LYS B 19 14.17 -10.11 4.31
N TYR B 20 14.01 -9.61 3.06
CA TYR B 20 14.00 -10.50 1.93
C TYR B 20 15.42 -10.90 1.59
N ILE B 21 16.47 -10.12 1.95
CA ILE B 21 17.84 -10.61 1.76
C ILE B 21 18.12 -11.73 2.77
N LYS B 22 17.79 -11.50 4.06
CA LYS B 22 18.17 -12.43 5.08
C LYS B 22 17.43 -13.70 4.84
N LEU B 23 16.15 -13.65 4.43
CA LEU B 23 15.40 -14.91 4.29
C LEU B 23 15.84 -15.72 3.07
N ALA B 24 16.32 -15.05 2.01
CA ALA B 24 16.81 -15.74 0.80
C ALA B 24 18.14 -16.41 1.02
N ASP B 25 18.99 -15.78 1.79
CA ASP B 25 20.24 -16.43 2.16
C ASP B 25 20.61 -16.03 3.57
N PRO B 26 20.23 -16.87 4.53
CA PRO B 26 20.53 -16.59 5.94
C PRO B 26 22.00 -16.60 6.30
N SER B 27 22.88 -17.03 5.40
CA SER B 27 24.26 -16.92 5.74
C SER B 27 24.76 -15.49 5.65
N ILE B 28 23.99 -14.60 4.97
CA ILE B 28 24.45 -13.20 4.92
C ILE B 28 24.25 -12.55 6.24
N GLU B 29 25.26 -11.81 6.67
CA GLU B 29 25.12 -10.92 7.82
C GLU B 29 24.46 -9.64 7.47
N VAL B 30 23.28 -9.33 8.05
CA VAL B 30 22.53 -8.15 7.65
C VAL B 30 22.30 -7.20 8.86
N THR B 31 22.82 -6.02 8.73
CA THR B 31 22.68 -5.02 9.83
C THR B 31 21.87 -3.88 9.24
N LEU B 32 20.82 -3.51 9.97
CA LEU B 32 19.93 -2.41 9.57
C LEU B 32 20.17 -1.26 10.56
N ILE B 33 20.43 -0.09 9.97
CA ILE B 33 20.65 1.18 10.75
C ILE B 33 19.43 2.03 10.62
N GLU B 34 18.78 2.36 11.76
CA GLU B 34 17.61 3.24 11.71
C GLU B 34 17.53 4.02 13.07
N PRO B 35 17.41 5.34 13.00
CA PRO B 35 17.45 6.03 14.30
C PRO B 35 16.22 5.91 15.13
N ASN B 36 15.07 5.66 14.55
CA ASN B 36 13.89 5.68 15.37
C ASN B 36 13.52 4.28 15.84
N GLU B 37 13.32 4.08 17.14
CA GLU B 37 13.04 2.69 17.59
C GLU B 37 11.63 2.26 17.29
N THR B 38 10.71 3.20 16.94
CA THR B 38 9.37 2.81 16.45
C THR B 38 9.06 3.51 15.17
N TYR B 39 8.68 2.72 14.17
CA TYR B 39 8.35 3.33 12.90
C TYR B 39 6.85 3.73 12.87
N TYR B 40 6.48 4.84 12.22
CA TYR B 40 5.05 5.15 12.06
C TYR B 40 4.77 5.10 10.57
N THR B 41 3.76 4.27 10.17
CA THR B 41 3.46 4.28 8.71
C THR B 41 2.74 5.62 8.40
N CYS B 42 3.13 6.27 7.31
CA CYS B 42 2.39 7.47 6.87
C CYS B 42 1.16 7.01 6.09
N TYR B 43 1.36 5.84 5.44
CA TYR B 43 0.13 5.22 4.87
C TYR B 43 -0.84 4.86 6.05
N MET B 44 -2.10 5.07 5.71
CA MET B 44 -3.21 5.05 6.65
C MET B 44 -3.19 6.11 7.67
N SER B 45 -2.23 6.99 7.71
CA SER B 45 -2.32 8.12 8.71
C SER B 45 -3.40 9.10 8.37
N ASN B 46 -3.83 9.19 7.13
CA ASN B 46 -4.93 10.10 6.90
C ASN B 46 -6.22 9.63 7.56
N GLU B 47 -6.34 8.32 7.82
CA GLU B 47 -7.59 7.80 8.58
C GLU B 47 -7.45 8.20 10.03
N VAL B 48 -6.21 8.39 10.51
CA VAL B 48 -6.03 8.89 11.89
C VAL B 48 -6.43 10.35 11.92
N ILE B 49 -6.04 11.11 10.85
CA ILE B 49 -6.34 12.57 10.84
C ILE B 49 -7.86 12.69 10.71
N GLY B 50 -8.53 11.78 9.96
CA GLY B 50 -10.01 11.83 9.79
C GLY B 50 -10.76 11.40 11.05
N GLY B 51 -10.12 10.66 11.92
CA GLY B 51 -10.80 10.24 13.22
C GLY B 51 -11.20 8.78 13.28
N ASP B 52 -11.20 8.06 12.16
CA ASP B 52 -11.66 6.67 12.26
C ASP B 52 -10.56 5.65 12.57
N ARG B 53 -9.33 6.07 12.73
CA ARG B 53 -8.29 5.16 13.09
C ARG B 53 -7.48 5.81 14.23
N GLU B 54 -6.93 5.00 15.13
CA GLU B 54 -6.10 5.50 16.27
C GLU B 54 -4.62 5.55 15.84
N LEU B 55 -3.92 6.53 16.34
CA LEU B 55 -2.57 6.74 16.04
C LEU B 55 -1.68 5.51 16.36
N ALA B 56 -1.95 4.81 17.48
CA ALA B 56 -1.06 3.73 17.88
C ALA B 56 -1.17 2.57 16.83
N SER B 57 -2.24 2.52 16.03
CA SER B 57 -2.32 1.41 15.08
C SER B 57 -1.25 1.63 14.00
N LEU B 58 -0.67 2.82 13.88
CA LEU B 58 0.34 3.04 12.77
C LEU B 58 1.73 2.65 13.23
N ARG B 59 1.87 2.33 14.50
CA ARG B 59 3.28 2.01 15.05
C ARG B 59 3.75 0.67 14.61
N VAL B 60 5.04 0.56 14.28
CA VAL B 60 5.67 -0.79 13.98
C VAL B 60 7.01 -0.85 14.69
N GLY B 61 7.26 -2.01 15.31
CA GLY B 61 8.50 -2.25 15.99
C GLY B 61 9.44 -3.06 15.13
N TYR B 62 10.65 -3.32 15.70
CA TYR B 62 11.63 -4.09 14.98
C TYR B 62 11.89 -5.49 15.49
N ASP B 63 11.06 -6.00 16.39
CA ASP B 63 11.24 -7.38 16.80
C ASP B 63 10.97 -8.42 15.73
N GLY B 64 10.10 -8.09 14.74
CA GLY B 64 9.87 -8.98 13.65
C GLY B 64 11.16 -9.10 12.82
N LEU B 65 11.88 -7.97 12.57
CA LEU B 65 13.06 -8.19 11.75
C LEU B 65 14.17 -8.92 12.64
N ARG B 66 14.31 -8.52 13.89
CA ARG B 66 15.38 -9.19 14.71
C ARG B 66 15.09 -10.70 14.71
N ALA B 67 13.78 -11.10 14.72
CA ALA B 67 13.47 -12.57 14.73
C ALA B 67 13.93 -13.30 13.45
N HIS B 68 14.04 -12.57 12.32
CA HIS B 68 14.65 -13.11 11.12
C HIS B 68 16.14 -13.11 11.07
N GLY B 69 16.78 -12.60 12.13
CA GLY B 69 18.26 -12.67 12.21
C GLY B 69 18.88 -11.42 11.68
N ILE B 70 18.17 -10.31 11.61
CA ILE B 70 18.77 -9.02 11.23
C ILE B 70 19.19 -8.27 12.49
N GLN B 71 20.40 -7.72 12.50
CA GLN B 71 20.84 -6.90 13.64
C GLN B 71 20.30 -5.50 13.36
N VAL B 72 19.61 -4.89 14.30
CA VAL B 72 19.02 -3.57 14.07
C VAL B 72 19.78 -2.63 15.02
N VAL B 73 20.39 -1.60 14.48
CA VAL B 73 21.18 -0.65 15.24
C VAL B 73 20.44 0.67 15.18
N HIS B 74 20.07 1.21 16.36
CA HIS B 74 19.36 2.49 16.39
C HIS B 74 20.35 3.60 16.48
N ASP B 75 20.67 4.19 15.33
CA ASP B 75 21.70 5.27 15.15
C ASP B 75 21.32 5.76 13.75
N SER B 76 21.94 6.87 13.36
CA SER B 76 21.81 7.45 11.97
C SER B 76 23.14 7.22 11.26
N ALA B 77 23.06 6.86 10.01
CA ALA B 77 24.24 6.94 9.23
C ALA B 77 24.57 8.41 8.81
N LEU B 78 25.86 8.74 9.02
CA LEU B 78 26.31 10.15 8.64
C LEU B 78 27.07 10.18 7.30
N GLY B 79 27.67 9.07 6.92
CA GLY B 79 28.50 9.02 5.71
C GLY B 79 28.62 7.62 5.18
N ILE B 80 28.86 7.47 3.91
CA ILE B 80 29.14 6.15 3.38
C ILE B 80 30.37 6.29 2.51
N ASP B 81 31.43 5.57 2.89
CA ASP B 81 32.63 5.56 2.05
C ASP B 81 32.55 4.32 1.09
N PRO B 82 32.26 4.53 -0.21
CA PRO B 82 31.94 3.47 -1.21
C PRO B 82 33.23 2.71 -1.63
N ASP B 83 34.40 3.30 -1.35
CA ASP B 83 35.71 2.73 -1.78
C ASP B 83 36.21 1.76 -0.72
N LYS B 84 36.22 2.18 0.56
CA LYS B 84 36.53 1.31 1.72
C LYS B 84 35.37 0.46 2.13
N LYS B 85 34.21 0.87 1.62
CA LYS B 85 32.93 0.17 1.88
C LYS B 85 32.59 0.15 3.43
N LEU B 86 32.33 1.37 3.94
CA LEU B 86 32.07 1.54 5.34
C LEU B 86 30.94 2.52 5.47
N VAL B 87 30.01 2.22 6.32
CA VAL B 87 28.94 3.19 6.69
C VAL B 87 29.28 3.73 8.07
N LYS B 88 29.47 5.03 8.16
CA LYS B 88 29.90 5.62 9.47
C LYS B 88 28.61 6.21 10.16
N THR B 89 28.46 5.97 11.47
CA THR B 89 27.21 6.46 12.20
C THR B 89 27.45 7.63 13.11
N ALA B 90 26.36 8.30 13.46
CA ALA B 90 26.47 9.49 14.32
C ALA B 90 27.09 9.12 15.65
N GLY B 91 26.83 7.90 16.13
CA GLY B 91 27.40 7.41 17.38
C GLY B 91 28.90 7.10 17.27
N GLY B 92 29.48 7.29 16.07
CA GLY B 92 30.91 6.97 15.77
C GLY B 92 31.24 5.52 15.42
N ALA B 93 30.25 4.62 15.30
CA ALA B 93 30.60 3.25 14.91
C ALA B 93 30.76 3.20 13.39
N GLU B 94 31.43 2.18 12.92
CA GLU B 94 31.67 1.94 11.49
C GLU B 94 31.20 0.53 11.21
N PHE B 95 30.44 0.38 10.12
CA PHE B 95 29.98 -0.90 9.68
C PHE B 95 30.45 -1.17 8.28
N ALA B 96 31.26 -2.24 8.15
CA ALA B 96 31.75 -2.67 6.88
C ALA B 96 30.64 -3.40 6.09
N TYR B 97 30.65 -3.24 4.78
CA TYR B 97 29.73 -4.03 3.95
C TYR B 97 30.37 -4.60 2.70
N ASP B 98 29.69 -5.61 2.09
CA ASP B 98 30.04 -6.04 0.73
C ASP B 98 29.06 -5.39 -0.27
N ARG B 99 27.77 -5.32 0.17
CA ARG B 99 26.81 -4.50 -0.57
C ARG B 99 26.02 -3.71 0.45
N CYS B 100 25.57 -2.54 0.03
CA CYS B 100 24.84 -1.59 0.94
C CYS B 100 23.49 -1.22 0.25
N VAL B 101 22.44 -1.24 1.06
CA VAL B 101 21.15 -0.82 0.50
C VAL B 101 20.77 0.49 1.23
N VAL B 102 20.44 1.52 0.47
CA VAL B 102 20.12 2.84 1.05
C VAL B 102 18.70 3.14 0.74
N ALA B 103 17.90 3.31 1.85
CA ALA B 103 16.46 3.60 1.68
C ALA B 103 16.07 4.61 2.72
N PRO B 104 16.40 5.85 2.49
CA PRO B 104 16.24 6.80 3.58
C PRO B 104 14.98 7.69 3.46
N GLY B 105 14.12 7.37 2.50
CA GLY B 105 12.92 8.19 2.25
C GLY B 105 13.16 9.59 1.72
N ILE B 106 12.47 10.58 2.28
CA ILE B 106 12.50 11.95 1.70
C ILE B 106 13.12 12.95 2.66
N ASP B 107 13.67 14.02 2.06
CA ASP B 107 14.02 15.27 2.78
C ASP B 107 12.96 16.25 2.37
N LEU B 108 12.34 16.89 3.38
CA LEU B 108 11.33 17.92 3.15
C LEU B 108 11.97 19.31 3.15
N LEU B 109 11.74 20.04 2.07
CA LEU B 109 12.47 21.32 1.81
C LEU B 109 11.64 22.48 2.34
N TYR B 110 11.51 22.49 3.67
CA TYR B 110 10.49 23.36 4.38
C TYR B 110 10.62 24.82 3.89
N ASP B 111 11.82 25.28 3.90
CA ASP B 111 12.00 26.74 3.65
C ASP B 111 11.99 27.13 2.19
N LYS B 112 11.70 26.21 1.25
CA LYS B 112 11.17 26.65 -0.03
C LYS B 112 9.88 27.44 0.00
N ILE B 113 9.05 27.29 1.03
CA ILE B 113 7.92 28.13 1.25
C ILE B 113 8.46 29.23 2.20
N GLU B 114 8.46 30.44 1.69
CA GLU B 114 8.98 31.56 2.46
C GLU B 114 8.16 31.71 3.71
N GLY B 115 8.84 31.80 4.86
CA GLY B 115 8.15 31.90 6.19
C GLY B 115 8.02 30.53 6.92
N TYR B 116 8.30 29.44 6.18
CA TYR B 116 8.26 28.09 6.82
C TYR B 116 9.63 27.55 7.13
N SER B 117 9.75 26.59 8.00
CA SER B 117 11.05 26.03 8.31
C SER B 117 10.83 24.75 9.00
N GLU B 118 11.88 23.96 9.21
CA GLU B 118 11.72 22.69 9.95
C GLU B 118 11.13 22.93 11.35
N ALA B 119 11.69 23.88 12.08
CA ALA B 119 11.14 24.15 13.41
C ALA B 119 9.71 24.60 13.40
N LEU B 120 9.30 25.33 12.37
CA LEU B 120 7.95 25.76 12.26
C LEU B 120 6.97 24.69 11.82
N ALA B 121 7.45 23.51 11.49
CA ALA B 121 6.48 22.41 11.26
C ALA B 121 5.82 22.02 12.58
N ALA B 122 6.37 22.42 13.70
CA ALA B 122 5.62 22.29 15.01
C ALA B 122 4.39 23.21 15.18
N LYS B 123 4.19 24.19 14.28
CA LYS B 123 3.04 25.09 14.22
C LYS B 123 2.15 24.76 13.04
N LEU B 124 2.70 24.61 11.81
CA LEU B 124 1.91 24.23 10.61
C LEU B 124 2.43 22.88 10.17
N PRO B 125 1.76 21.85 10.62
CA PRO B 125 2.32 20.52 10.34
C PRO B 125 2.28 20.17 8.80
N HIS B 126 3.27 19.39 8.42
CA HIS B 126 3.21 18.72 7.12
C HIS B 126 2.60 17.30 7.23
N ALA B 127 2.96 16.60 8.30
CA ALA B 127 2.51 15.20 8.53
C ALA B 127 2.73 14.33 7.24
N TRP B 128 3.86 14.61 6.54
CA TRP B 128 4.32 13.84 5.42
C TRP B 128 5.28 12.76 5.89
N LYS B 129 5.57 12.77 7.20
CA LYS B 129 6.26 11.69 7.94
C LYS B 129 5.44 11.54 9.20
N ALA B 130 5.06 10.31 9.49
CA ALA B 130 3.98 10.14 10.54
C ALA B 130 4.56 10.00 11.95
N GLY B 131 3.67 10.14 12.93
CA GLY B 131 4.09 10.10 14.29
C GLY B 131 3.57 11.40 14.97
N GLU B 132 4.49 12.08 15.68
CA GLU B 132 4.06 13.37 16.28
C GLU B 132 3.41 14.34 15.33
N GLN B 133 3.89 14.34 14.04
CA GLN B 133 3.28 15.24 13.10
C GLN B 133 1.76 14.88 12.83
N THR B 134 1.47 13.58 12.74
CA THR B 134 0.07 13.08 12.56
C THR B 134 -0.71 13.50 13.80
N ALA B 135 -0.12 13.28 14.98
CA ALA B 135 -0.85 13.68 16.22
C ALA B 135 -1.13 15.17 16.25
N LEU B 136 -0.10 15.98 15.95
CA LEU B 136 -0.27 17.48 15.90
C LEU B 136 -1.40 17.90 14.97
N LEU B 137 -1.39 17.39 13.72
CA LEU B 137 -2.43 17.78 12.82
C LEU B 137 -3.83 17.34 13.30
N ARG B 138 -3.96 16.11 13.84
CA ARG B 138 -5.27 15.71 14.37
C ARG B 138 -5.68 16.57 15.57
N ARG B 139 -4.71 16.85 16.44
CA ARG B 139 -5.13 17.73 17.65
C ARG B 139 -5.59 19.07 17.13
N GLN B 140 -4.88 19.68 16.18
CA GLN B 140 -5.35 20.98 15.67
C GLN B 140 -6.72 20.89 15.09
N LEU B 141 -7.01 19.87 14.30
CA LEU B 141 -8.39 19.75 13.83
C LEU B 141 -9.44 19.60 14.98
N GLU B 142 -9.06 18.81 15.96
CA GLU B 142 -10.05 18.53 17.07
C GLU B 142 -10.25 19.83 17.86
N SER B 143 -9.24 20.71 17.93
CA SER B 143 -9.40 21.97 18.67
C SER B 143 -9.91 23.16 17.83
N MET B 144 -10.08 22.96 16.52
CA MET B 144 -10.44 24.03 15.63
C MET B 144 -11.90 24.40 15.89
N ASP B 145 -12.17 25.73 16.01
CA ASP B 145 -13.62 26.13 16.08
C ASP B 145 -14.41 25.81 14.83
N ASP B 146 -15.65 25.35 15.00
CA ASP B 146 -16.53 25.14 13.89
C ASP B 146 -16.64 26.47 13.05
N GLY B 147 -16.38 26.38 11.75
CA GLY B 147 -16.38 27.53 10.76
C GLY B 147 -14.91 27.79 10.37
N GLY B 148 -13.94 27.18 11.05
CA GLY B 148 -12.55 27.45 10.73
C GLY B 148 -12.22 26.80 9.39
N VAL B 149 -11.18 27.35 8.72
CA VAL B 149 -10.80 26.83 7.36
C VAL B 149 -9.52 26.05 7.64
N VAL B 150 -9.42 24.95 6.84
CA VAL B 150 -8.26 24.09 6.88
C VAL B 150 -7.62 24.23 5.51
N ILE B 151 -6.36 24.55 5.44
CA ILE B 151 -5.67 24.57 4.13
C ILE B 151 -4.82 23.32 4.00
N ILE B 152 -4.85 22.73 2.78
CA ILE B 152 -3.86 21.72 2.36
C ILE B 152 -3.09 22.22 1.16
N ALA B 153 -1.77 22.24 1.28
CA ALA B 153 -1.00 22.82 0.15
C ALA B 153 0.02 21.86 -0.38
N PRO B 154 -0.37 21.07 -1.34
CA PRO B 154 0.66 20.14 -1.97
C PRO B 154 1.71 20.88 -2.81
N PRO B 155 2.88 20.27 -2.94
CA PRO B 155 3.98 20.83 -3.66
C PRO B 155 3.88 20.37 -5.13
N ALA B 156 4.87 20.82 -5.93
CA ALA B 156 4.91 20.32 -7.29
C ALA B 156 5.46 18.88 -7.25
N PRO B 157 5.01 18.00 -8.18
CA PRO B 157 5.66 16.68 -8.30
C PRO B 157 7.17 16.73 -8.73
N PRO B 158 7.91 15.73 -8.38
CA PRO B 158 7.47 14.47 -7.73
C PRO B 158 7.46 14.68 -6.25
N PHE B 159 6.53 14.00 -5.61
CA PHE B 159 6.54 13.98 -4.15
C PHE B 159 6.00 12.62 -3.71
N ARG B 160 6.24 12.30 -2.42
CA ARG B 160 5.68 11.10 -1.79
C ARG B 160 4.14 11.01 -1.89
N CSS B 161 3.64 9.95 -2.49
CA CSS B 161 2.20 9.56 -2.59
CB CSS B 161 1.69 9.22 -1.16
SG CSS B 161 0.08 8.35 -1.32
SD CSS B 161 0.71 6.58 -2.01
C CSS B 161 1.31 10.61 -3.30
O CSS B 161 0.60 11.37 -2.68
N PRO B 162 1.37 10.58 -4.62
CA PRO B 162 0.59 11.52 -5.41
C PRO B 162 -0.83 11.74 -4.93
N PRO B 163 -1.62 10.67 -4.53
CA PRO B 163 -3.06 10.96 -4.21
C PRO B 163 -3.16 11.37 -2.75
N GLY B 164 -2.09 11.31 -1.99
CA GLY B 164 -2.14 11.46 -0.51
C GLY B 164 -2.78 12.74 -0.09
N PRO B 165 -2.44 13.89 -0.72
CA PRO B 165 -3.07 15.17 -0.24
C PRO B 165 -4.56 15.19 -0.40
N TYR B 166 -5.02 14.48 -1.41
CA TYR B 166 -6.41 14.45 -1.81
C TYR B 166 -7.25 13.42 -1.01
N GLU B 167 -6.64 12.33 -0.67
CA GLU B 167 -7.23 11.45 0.38
C GLU B 167 -7.29 12.26 1.64
N ARG B 168 -6.22 13.03 1.90
CA ARG B 168 -6.25 13.79 3.20
C ARG B 168 -7.44 14.74 3.22
N ALA B 169 -7.60 15.49 2.15
CA ALA B 169 -8.78 16.41 2.12
C ALA B 169 -10.10 15.70 2.32
N SER B 170 -10.22 14.52 1.74
CA SER B 170 -11.44 13.71 1.85
C SER B 170 -11.62 13.34 3.32
N GLN B 171 -10.56 12.82 3.96
CA GLN B 171 -10.63 12.41 5.38
C GLN B 171 -10.94 13.59 6.32
N ILE B 172 -10.32 14.73 6.09
CA ILE B 172 -10.64 15.95 6.86
C ILE B 172 -12.10 16.37 6.60
N ALA B 173 -12.54 16.29 5.38
CA ALA B 173 -13.97 16.61 5.14
C ALA B 173 -14.90 15.61 5.86
N HIS B 174 -14.52 14.30 5.92
CA HIS B 174 -15.36 13.31 6.64
C HIS B 174 -15.48 13.75 8.06
N TYR B 175 -14.36 14.19 8.64
CA TYR B 175 -14.43 14.68 10.02
C TYR B 175 -15.28 15.95 10.14
N LEU B 176 -15.10 16.93 9.30
CA LEU B 176 -15.89 18.19 9.43
C LEU B 176 -17.35 17.89 9.23
N LYS B 177 -17.67 17.01 8.28
CA LYS B 177 -19.13 16.80 7.91
C LYS B 177 -19.83 16.33 9.20
N ALA B 178 -19.19 15.49 10.00
CA ALA B 178 -19.86 14.89 11.18
C ALA B 178 -19.74 15.78 12.43
N HIS B 179 -18.64 16.56 12.49
CA HIS B 179 -18.28 17.24 13.78
C HIS B 179 -18.12 18.74 13.73
N LYS B 180 -17.91 19.30 12.54
CA LYS B 180 -17.60 20.77 12.43
C LYS B 180 -18.15 21.20 11.09
N SER B 181 -19.46 21.09 10.91
CA SER B 181 -20.02 21.22 9.59
C SER B 181 -20.03 22.61 8.91
N LYS B 182 -19.65 23.63 9.67
CA LYS B 182 -19.48 24.95 9.07
C LYS B 182 -18.09 25.20 8.48
N SER B 183 -17.20 24.23 8.71
CA SER B 183 -15.84 24.39 8.26
C SER B 183 -15.65 23.98 6.84
N LYS B 184 -14.44 24.15 6.31
CA LYS B 184 -14.15 23.64 4.96
C LYS B 184 -12.70 23.48 4.80
N VAL B 185 -12.35 22.57 3.87
CA VAL B 185 -10.93 22.33 3.50
C VAL B 185 -10.73 22.97 2.15
N ILE B 186 -9.70 23.80 2.06
CA ILE B 186 -9.26 24.44 0.80
C ILE B 186 -7.95 23.82 0.39
N ILE B 187 -7.92 23.17 -0.74
CA ILE B 187 -6.67 22.65 -1.39
C ILE B 187 -6.08 23.67 -2.34
N LEU B 188 -4.84 24.15 -2.06
CA LEU B 188 -4.20 25.14 -2.93
C LEU B 188 -3.08 24.43 -3.64
N ASP B 189 -3.29 24.13 -4.90
CA ASP B 189 -2.38 23.23 -5.58
C ASP B 189 -1.26 23.89 -6.36
N ASN B 190 -0.14 23.20 -6.48
CA ASN B 190 0.93 23.48 -7.49
C ASN B 190 0.61 23.04 -8.91
N SER B 191 -0.24 22.04 -9.03
CA SER B 191 -0.43 21.34 -10.28
C SER B 191 -1.77 21.62 -10.91
N GLN B 192 -1.81 21.56 -12.24
CA GLN B 192 -3.03 21.73 -12.99
C GLN B 192 -4.04 20.57 -12.89
N THR B 193 -3.52 19.37 -12.66
CA THR B 193 -4.32 18.13 -12.52
C THR B 193 -3.62 17.38 -11.40
N PHE B 194 -4.30 16.37 -10.88
CA PHE B 194 -3.70 15.56 -9.78
C PHE B 194 -4.17 14.12 -9.92
N SER B 195 -3.52 13.25 -9.13
CA SER B 195 -3.75 11.80 -9.17
C SER B 195 -5.18 11.36 -8.88
N LYS B 196 -5.82 10.63 -9.80
CA LYS B 196 -7.21 10.19 -9.63
C LYS B 196 -8.18 11.35 -9.57
N GLN B 197 -7.82 12.46 -10.17
CA GLN B 197 -8.64 13.67 -10.01
C GLN B 197 -10.13 13.47 -10.38
N ALA B 198 -10.42 12.75 -11.46
CA ALA B 198 -11.85 12.64 -11.86
C ALA B 198 -12.63 11.87 -10.83
N GLN B 199 -11.96 10.84 -10.28
CA GLN B 199 -12.59 9.95 -9.33
C GLN B 199 -12.73 10.71 -7.98
N PHE B 200 -11.69 11.40 -7.53
CA PHE B 200 -11.84 12.16 -6.32
C PHE B 200 -12.97 13.26 -6.48
N THR B 201 -12.99 13.95 -7.63
CA THR B 201 -13.96 15.02 -7.82
C THR B 201 -15.37 14.46 -7.72
N LYS B 202 -15.62 13.33 -8.32
CA LYS B 202 -16.98 12.80 -8.32
C LYS B 202 -17.31 12.45 -6.86
N GLY B 203 -16.39 11.81 -6.13
CA GLY B 203 -16.63 11.48 -4.77
C GLY B 203 -16.90 12.71 -3.89
N TRP B 204 -16.17 13.78 -4.13
CA TRP B 204 -16.40 15.02 -3.36
C TRP B 204 -17.76 15.65 -3.74
N GLU B 205 -18.17 15.56 -5.00
CA GLU B 205 -19.53 16.01 -5.36
C GLU B 205 -20.61 15.28 -4.61
N ARG B 206 -20.42 13.99 -4.42
CA ARG B 206 -21.42 13.14 -3.77
C ARG B 206 -21.41 13.17 -2.33
N LEU B 207 -20.21 13.34 -1.75
CA LEU B 207 -20.12 13.33 -0.29
C LEU B 207 -20.08 14.70 0.43
N TYR B 208 -19.44 15.66 -0.19
CA TYR B 208 -18.90 16.81 0.50
C TYR B 208 -19.38 18.12 -0.15
N GLY B 209 -20.43 18.06 -0.99
CA GLY B 209 -20.93 19.32 -1.57
C GLY B 209 -20.03 20.00 -2.60
N PHE B 210 -19.02 19.28 -3.18
CA PHE B 210 -18.10 19.97 -4.06
C PHE B 210 -18.85 20.66 -5.18
N GLY B 211 -18.32 21.86 -5.47
CA GLY B 211 -18.81 22.72 -6.58
C GLY B 211 -20.09 23.47 -6.15
N THR B 212 -20.42 23.53 -4.86
CA THR B 212 -21.63 24.25 -4.34
C THR B 212 -21.15 25.23 -3.29
N GLU B 213 -22.02 26.22 -3.00
CA GLU B 213 -21.68 27.29 -2.05
C GLU B 213 -21.31 26.74 -0.65
N ASN B 214 -21.90 25.63 -0.26
CA ASN B 214 -21.61 25.06 1.06
C ASN B 214 -20.65 23.82 0.98
N ALA B 215 -19.88 23.78 -0.08
CA ALA B 215 -18.80 22.72 -0.19
C ALA B 215 -18.00 22.61 1.09
N LEU B 216 -17.72 21.37 1.51
CA LEU B 216 -16.68 21.12 2.57
C LEU B 216 -15.24 21.07 1.99
N ILE B 217 -15.13 20.91 0.69
CA ILE B 217 -13.85 20.88 0.01
C ILE B 217 -13.89 21.84 -1.17
N GLU B 218 -12.84 22.62 -1.26
CA GLU B 218 -12.57 23.43 -2.50
C GLU B 218 -11.23 22.99 -3.04
N TRP B 219 -11.05 23.01 -4.35
CA TRP B 219 -9.77 22.76 -4.93
C TRP B 219 -9.40 23.81 -5.91
N HIS B 220 -8.19 24.43 -5.73
CA HIS B 220 -7.76 25.49 -6.65
C HIS B 220 -6.57 25.02 -7.40
N PRO B 221 -6.57 25.05 -8.75
CA PRO B 221 -5.41 24.57 -9.47
C PRO B 221 -4.21 25.39 -9.49
N GLY B 222 -3.06 24.71 -9.64
CA GLY B 222 -1.84 25.40 -10.02
C GLY B 222 -1.88 25.72 -11.50
N PRO B 223 -0.94 26.57 -11.92
CA PRO B 223 0.09 27.06 -11.00
C PRO B 223 -0.28 28.29 -10.15
N ASP B 224 -1.39 28.96 -10.42
CA ASP B 224 -1.82 30.16 -9.66
C ASP B 224 -1.94 29.94 -8.17
N ALA B 225 -2.43 28.78 -7.79
CA ALA B 225 -2.71 28.53 -6.35
C ALA B 225 -1.53 28.02 -5.56
N ALA B 226 -0.34 27.89 -6.18
CA ALA B 226 0.74 27.30 -5.43
C ALA B 226 1.07 28.12 -4.20
N VAL B 227 1.25 27.49 -3.05
CA VAL B 227 1.63 28.30 -1.86
C VAL B 227 3.10 28.62 -1.92
N VAL B 228 3.40 29.93 -1.94
CA VAL B 228 4.79 30.40 -1.98
C VAL B 228 5.32 31.07 -0.70
N LYS B 229 4.38 31.48 0.18
CA LYS B 229 4.73 32.17 1.44
C LYS B 229 3.71 31.75 2.51
N THR B 230 4.15 31.78 3.77
CA THR B 230 3.24 31.71 4.93
C THR B 230 3.68 32.68 6.03
N ASP B 231 2.75 33.02 6.91
CA ASP B 231 3.13 33.75 8.14
C ASP B 231 2.49 32.96 9.22
N THR B 232 3.29 32.24 9.95
CA THR B 232 2.78 31.30 10.89
C THR B 232 2.14 31.90 12.09
N GLU B 233 2.51 33.14 12.38
CA GLU B 233 1.79 33.86 13.47
C GLU B 233 0.43 34.39 13.01
N ALA B 234 0.32 34.94 11.83
CA ALA B 234 -0.94 35.43 11.40
C ALA B 234 -1.86 34.32 10.88
N MET B 235 -1.28 33.13 10.67
CA MET B 235 -2.03 31.95 10.15
C MET B 235 -2.61 32.28 8.75
N THR B 236 -1.72 32.74 7.86
CA THR B 236 -2.03 32.97 6.48
C THR B 236 -1.05 32.23 5.56
N VAL B 237 -1.54 32.04 4.33
CA VAL B 237 -0.61 31.69 3.29
C VAL B 237 -0.81 32.62 2.11
N GLU B 238 0.17 32.67 1.24
CA GLU B 238 -0.04 33.44 -0.01
C GLU B 238 0.26 32.61 -1.23
N THR B 239 -0.54 32.75 -2.30
CA THR B 239 -0.33 31.90 -3.45
C THR B 239 0.56 32.56 -4.49
N SER B 240 1.00 31.80 -5.47
CA SER B 240 1.81 32.43 -6.50
C SER B 240 1.06 33.58 -7.26
N PHE B 241 -0.26 33.44 -7.40
CA PHE B 241 -1.13 34.46 -8.01
C PHE B 241 -1.16 35.79 -7.18
N GLY B 242 -0.78 35.74 -5.88
CA GLY B 242 -0.79 36.89 -4.94
C GLY B 242 -2.01 36.90 -4.05
N GLU B 243 -2.71 35.78 -3.90
CA GLU B 243 -3.88 35.75 -3.07
C GLU B 243 -3.49 35.28 -1.66
N THR B 244 -4.08 35.92 -0.63
CA THR B 244 -3.82 35.53 0.72
C THR B 244 -5.04 34.63 1.08
N PHE B 245 -4.81 33.59 1.89
CA PHE B 245 -5.85 32.81 2.52
C PHE B 245 -5.50 32.79 4.02
N LYS B 246 -6.47 33.06 4.91
CA LYS B 246 -6.34 32.93 6.38
C LYS B 246 -6.96 31.57 6.74
N ALA B 247 -6.34 30.85 7.70
CA ALA B 247 -6.97 29.57 8.03
C ALA B 247 -6.79 29.31 9.46
N ALA B 248 -7.58 28.40 10.00
CA ALA B 248 -7.40 28.00 11.39
C ALA B 248 -6.41 26.86 11.56
N VAL B 249 -6.26 26.08 10.49
CA VAL B 249 -5.28 24.94 10.54
C VAL B 249 -4.65 24.96 9.11
N ILE B 250 -3.32 24.90 9.07
CA ILE B 250 -2.68 24.95 7.76
C ILE B 250 -1.69 23.78 7.65
N ASN B 251 -1.96 22.92 6.68
CA ASN B 251 -1.08 21.73 6.43
C ASN B 251 -0.28 22.04 5.17
N LEU B 252 0.98 22.48 5.40
CA LEU B 252 1.88 22.72 4.25
C LEU B 252 2.64 21.44 3.98
N ILE B 253 2.64 21.04 2.69
CA ILE B 253 3.42 19.82 2.31
C ILE B 253 4.57 20.42 1.43
N PRO B 254 5.80 20.55 1.97
CA PRO B 254 6.88 21.21 1.23
C PRO B 254 7.37 20.31 0.10
N PRO B 255 7.99 20.90 -0.90
CA PRO B 255 8.70 20.04 -1.91
C PRO B 255 9.70 19.16 -1.30
N GLN B 256 10.07 18.14 -2.09
CA GLN B 256 10.85 17.03 -1.50
C GLN B 256 11.98 16.61 -2.42
N ARG B 257 13.00 16.02 -1.81
CA ARG B 257 13.99 15.25 -2.62
C ARG B 257 14.44 14.04 -1.83
N ALA B 258 15.42 13.28 -2.33
CA ALA B 258 15.82 12.09 -1.59
C ALA B 258 16.33 12.46 -0.21
N GLY B 259 16.25 11.55 0.71
CA GLY B 259 16.75 11.88 2.09
C GLY B 259 18.20 12.33 2.16
N LYS B 260 18.53 13.12 3.17
CA LYS B 260 19.84 13.79 3.27
C LYS B 260 21.00 12.81 3.11
N ILE B 261 20.91 11.61 3.68
CA ILE B 261 22.10 10.67 3.58
C ILE B 261 22.38 10.33 2.11
N ALA B 262 21.30 10.22 1.31
CA ALA B 262 21.57 9.94 -0.11
C ALA B 262 22.24 11.13 -0.77
N GLN B 263 21.87 12.35 -0.39
CA GLN B 263 22.49 13.59 -0.96
C GLN B 263 23.96 13.55 -0.49
N SER B 264 24.22 13.37 0.79
CA SER B 264 25.62 13.60 1.28
C SER B 264 26.54 12.42 0.87
N ALA B 265 25.95 11.25 0.60
CA ALA B 265 26.69 10.09 0.01
C ALA B 265 26.88 10.14 -1.50
N SER B 266 26.52 11.23 -2.16
CA SER B 266 26.76 11.41 -3.59
C SER B 266 25.98 10.33 -4.40
N LEU B 267 24.74 10.13 -4.00
CA LEU B 267 23.89 9.16 -4.74
C LEU B 267 22.85 9.87 -5.56
N THR B 268 22.69 11.19 -5.49
CA THR B 268 21.67 11.85 -6.23
C THR B 268 22.25 12.52 -7.54
N ASN B 269 21.34 12.88 -8.44
CA ASN B 269 21.74 13.71 -9.58
C ASN B 269 20.93 14.99 -9.53
N ASP B 270 20.88 15.74 -10.66
CA ASP B 270 20.31 17.11 -10.60
C ASP B 270 18.80 17.15 -10.43
N SER B 271 18.13 15.98 -10.53
CA SER B 271 16.70 15.90 -10.15
C SER B 271 16.47 15.94 -8.67
N GLY B 272 17.53 15.70 -7.86
CA GLY B 272 17.46 15.59 -6.37
C GLY B 272 17.07 14.20 -5.91
N TRP B 273 16.94 13.28 -6.90
CA TRP B 273 16.66 11.85 -6.56
C TRP B 273 17.79 10.95 -7.06
N CYS B 274 17.74 9.62 -6.79
CA CYS B 274 18.94 8.80 -7.02
C CYS B 274 18.75 7.94 -8.26
N PRO B 275 19.63 8.05 -9.28
CA PRO B 275 19.56 7.23 -10.44
C PRO B 275 20.12 5.82 -10.19
N VAL B 276 19.46 4.81 -10.73
CA VAL B 276 19.76 3.42 -10.45
C VAL B 276 19.67 2.61 -11.77
N ASP B 277 20.29 1.45 -11.77
CA ASP B 277 19.95 0.42 -12.83
C ASP B 277 18.67 -0.25 -12.29
N ILE B 278 17.62 -0.21 -13.14
CA ILE B 278 16.33 -0.69 -12.69
C ILE B 278 16.28 -2.21 -12.62
N ARG B 279 17.29 -2.93 -13.13
CA ARG B 279 17.23 -4.39 -12.92
C ARG B 279 17.62 -4.84 -11.52
N THR B 280 18.45 -4.03 -10.85
CA THR B 280 19.03 -4.36 -9.59
C THR B 280 18.94 -3.31 -8.46
N PHE B 281 18.52 -2.12 -8.88
CA PHE B 281 18.54 -0.87 -8.03
C PHE B 281 19.96 -0.50 -7.60
N GLU B 282 20.97 -1.06 -8.26
CA GLU B 282 22.31 -0.57 -7.94
C GLU B 282 22.42 0.92 -8.42
N SER B 283 23.00 1.81 -7.58
CA SER B 283 23.29 3.19 -7.99
C SER B 283 24.06 3.28 -9.27
N SER B 284 23.62 4.16 -10.11
CA SER B 284 24.36 4.49 -11.39
C SER B 284 25.62 5.30 -11.11
N LEU B 285 25.84 5.72 -9.86
CA LEU B 285 26.91 6.69 -9.49
C LEU B 285 27.95 5.98 -8.61
N GLN B 286 27.50 5.14 -7.66
CA GLN B 286 28.40 4.44 -6.70
C GLN B 286 28.19 2.91 -6.73
N PRO B 287 29.09 2.13 -7.35
CA PRO B 287 28.93 0.75 -7.41
C PRO B 287 28.95 0.15 -5.99
N GLY B 288 28.12 -0.90 -5.81
CA GLY B 288 28.05 -1.61 -4.52
C GLY B 288 26.97 -1.03 -3.56
N ILE B 289 26.38 0.09 -3.97
CA ILE B 289 25.30 0.67 -3.15
C ILE B 289 23.99 0.62 -4.02
N HIS B 290 22.91 0.10 -3.41
CA HIS B 290 21.61 -0.03 -4.08
C HIS B 290 20.67 0.95 -3.44
N VAL B 291 19.91 1.68 -4.22
CA VAL B 291 19.00 2.72 -3.64
C VAL B 291 17.57 2.32 -3.98
N ILE B 292 16.66 2.35 -3.02
CA ILE B 292 15.25 1.88 -3.27
C ILE B 292 14.30 2.86 -2.51
N GLY B 293 13.02 2.77 -2.92
CA GLY B 293 11.97 3.51 -2.13
C GLY B 293 11.93 4.93 -2.66
N ASP B 294 11.37 5.83 -1.88
CA ASP B 294 11.17 7.20 -2.35
C ASP B 294 12.44 7.90 -2.95
N ALA B 295 13.54 7.50 -2.32
CA ALA B 295 14.79 8.14 -2.70
C ALA B 295 15.26 7.87 -4.15
N CYS B 296 14.74 6.79 -4.77
CA CYS B 296 15.27 6.41 -6.09
C CYS B 296 14.42 6.95 -7.20
N ASN B 297 14.97 7.04 -8.44
CA ASN B 297 14.17 7.39 -9.58
C ASN B 297 13.79 6.06 -10.23
N ALA B 298 12.53 5.74 -10.17
CA ALA B 298 12.00 4.46 -10.75
C ALA B 298 10.74 4.78 -11.50
N ALA B 299 10.78 5.93 -12.18
CA ALA B 299 9.53 6.35 -12.93
C ALA B 299 9.23 5.28 -13.98
N PRO B 300 8.00 4.93 -14.24
CA PRO B 300 6.85 5.63 -13.76
C PRO B 300 6.33 5.15 -12.39
N MET B 301 7.06 4.29 -11.69
CA MET B 301 6.53 3.89 -10.30
C MET B 301 6.40 5.15 -9.43
N PRO B 302 5.27 5.26 -8.73
CA PRO B 302 5.13 6.41 -7.81
C PRO B 302 5.92 6.21 -6.51
N LYS B 303 6.11 7.32 -5.79
CA LYS B 303 6.79 7.20 -4.49
C LYS B 303 5.79 6.78 -3.46
N SER B 304 5.67 5.49 -3.33
CA SER B 304 4.67 4.90 -2.44
C SER B 304 5.30 3.74 -1.59
N ALA B 305 4.61 3.28 -0.53
CA ALA B 305 5.09 2.12 0.19
C ALA B 305 5.00 0.87 -0.70
N TYR B 306 3.91 0.69 -1.51
CA TYR B 306 3.87 -0.56 -2.31
C TYR B 306 5.06 -0.56 -3.28
N SER B 307 5.34 0.62 -3.85
CA SER B 307 6.50 0.64 -4.81
C SER B 307 7.81 0.36 -4.03
N ALA B 308 7.95 0.96 -2.85
CA ALA B 308 9.21 0.72 -2.10
C ALA B 308 9.37 -0.76 -1.76
N ASN B 309 8.28 -1.38 -1.30
CA ASN B 309 8.32 -2.82 -0.97
C ASN B 309 8.63 -3.63 -2.27
N SER B 310 8.04 -3.30 -3.38
CA SER B 310 8.29 -4.06 -4.65
C SER B 310 9.74 -3.87 -5.09
N GLN B 311 10.22 -2.62 -5.05
CA GLN B 311 11.67 -2.34 -5.40
C GLN B 311 12.59 -3.07 -4.46
N ALA B 312 12.28 -3.07 -3.17
CA ALA B 312 13.11 -3.82 -2.21
C ALA B 312 13.27 -5.28 -2.56
N LYS B 313 12.15 -5.89 -3.05
CA LYS B 313 12.29 -7.35 -3.40
C LYS B 313 13.20 -7.53 -4.61
N VAL B 314 13.13 -6.62 -5.60
CA VAL B 314 14.06 -6.71 -6.74
C VAL B 314 15.50 -6.57 -6.19
N ALA B 315 15.69 -5.54 -5.36
CA ALA B 315 17.03 -5.18 -4.90
C ALA B 315 17.51 -6.34 -4.05
N ALA B 316 16.66 -6.89 -3.17
CA ALA B 316 17.16 -8.01 -2.35
C ALA B 316 17.58 -9.24 -3.15
N ALA B 317 16.78 -9.58 -4.15
CA ALA B 317 17.15 -10.78 -4.92
C ALA B 317 18.41 -10.49 -5.69
N ALA B 318 18.63 -9.27 -6.13
CA ALA B 318 19.80 -8.93 -6.95
C ALA B 318 21.00 -8.87 -6.01
N VAL B 319 20.87 -8.32 -4.82
CA VAL B 319 22.04 -8.24 -3.94
C VAL B 319 22.48 -9.69 -3.57
N VAL B 320 21.53 -10.55 -3.20
CA VAL B 320 21.82 -11.93 -2.82
C VAL B 320 22.55 -12.57 -4.03
N ALA B 321 21.96 -12.50 -5.25
CA ALA B 321 22.64 -13.19 -6.42
C ALA B 321 24.10 -12.63 -6.54
N LEU B 322 24.22 -11.30 -6.58
CA LEU B 322 25.52 -10.67 -6.87
C LEU B 322 26.52 -11.07 -5.74
N LEU B 323 26.08 -11.17 -4.50
CA LEU B 323 27.04 -11.55 -3.46
C LEU B 323 27.52 -12.97 -3.67
N LYS B 324 26.64 -13.81 -4.25
CA LYS B 324 26.91 -15.25 -4.49
C LYS B 324 27.68 -15.43 -5.78
N GLY B 325 27.76 -14.41 -6.65
CA GLY B 325 28.48 -14.52 -8.00
C GLY B 325 27.48 -15.05 -9.04
N GLU B 326 26.19 -15.06 -8.67
CA GLU B 326 25.12 -15.36 -9.68
C GLU B 326 24.61 -14.16 -10.48
N GLU B 327 23.81 -14.46 -11.53
CA GLU B 327 23.27 -13.38 -12.32
C GLU B 327 21.86 -13.00 -11.79
N PRO B 328 21.63 -11.72 -11.49
CA PRO B 328 20.23 -11.36 -11.07
C PRO B 328 19.25 -11.72 -12.17
N GLY B 329 18.11 -12.19 -11.74
CA GLY B 329 16.96 -12.48 -12.75
C GLY B 329 16.25 -11.25 -13.35
N THR B 330 15.25 -11.55 -14.14
CA THR B 330 14.45 -10.56 -14.67
C THR B 330 13.49 -10.01 -13.56
N PRO B 331 13.48 -8.67 -13.41
CA PRO B 331 12.61 -8.04 -12.39
C PRO B 331 11.16 -8.06 -12.84
N SER B 332 10.31 -7.93 -11.80
CA SER B 332 8.84 -7.67 -11.96
C SER B 332 8.48 -6.68 -10.87
N TYR B 333 7.60 -5.77 -11.15
CA TYR B 333 7.28 -4.73 -10.12
C TYR B 333 5.81 -4.43 -10.10
N LEU B 334 5.33 -3.87 -8.98
CA LEU B 334 3.88 -3.62 -8.92
C LEU B 334 3.60 -2.45 -7.96
N ASN B 335 2.56 -1.70 -8.23
CA ASN B 335 2.13 -0.66 -7.26
C ASN B 335 0.65 -0.76 -7.13
N THR B 336 0.16 -0.38 -5.94
CA THR B 336 -1.23 0.08 -5.82
C THR B 336 -1.32 1.11 -4.70
N CSS B 337 -1.96 2.22 -4.97
CA CSS B 337 -2.27 3.24 -3.89
CB CSS B 337 -1.80 4.64 -4.24
SG CSS B 337 0.02 4.49 -4.36
SD CSS B 337 0.60 6.41 -4.17
C CSS B 337 -3.79 3.29 -3.71
O CSS B 337 -4.53 3.59 -4.64
N TYR B 338 -4.27 2.89 -2.55
CA TYR B 338 -5.71 3.04 -2.19
C TYR B 338 -5.91 4.39 -1.48
N SER B 339 -7.03 4.98 -1.77
CA SER B 339 -7.48 6.28 -1.06
C SER B 339 -8.87 6.03 -0.50
N ILE B 340 -9.02 6.38 0.73
CA ILE B 340 -10.35 6.18 1.42
C ILE B 340 -11.00 7.57 1.51
N LEU B 341 -12.11 7.77 0.78
CA LEU B 341 -12.77 9.09 0.83
C LEU B 341 -13.75 9.20 2.00
N ALA B 342 -14.22 8.08 2.50
CA ALA B 342 -15.22 8.02 3.60
C ALA B 342 -15.38 6.52 3.84
N PRO B 343 -16.05 6.13 4.92
CA PRO B 343 -16.02 4.74 5.33
C PRO B 343 -16.58 3.78 4.29
N GLY B 344 -17.48 4.24 3.46
CA GLY B 344 -18.07 3.41 2.41
C GLY B 344 -17.60 3.79 1.01
N TYR B 345 -16.50 4.56 0.88
CA TYR B 345 -16.19 5.07 -0.45
C TYR B 345 -14.68 5.13 -0.65
N GLY B 346 -14.17 4.19 -1.44
CA GLY B 346 -12.72 4.08 -1.67
C GLY B 346 -12.41 3.95 -3.16
N ILE B 347 -11.22 4.37 -3.52
CA ILE B 347 -10.80 4.29 -4.95
C ILE B 347 -9.35 3.85 -4.93
N SER B 348 -8.81 3.45 -6.10
CA SER B 348 -7.39 2.95 -6.10
C SER B 348 -6.83 3.22 -7.45
N ILE B 349 -5.45 3.32 -7.47
CA ILE B 349 -4.72 3.32 -8.77
C ILE B 349 -3.66 2.26 -8.70
N ALA B 350 -3.53 1.49 -9.77
CA ALA B 350 -2.75 0.22 -9.70
C ALA B 350 -1.88 0.22 -11.00
N ALA B 351 -0.78 -0.46 -10.90
CA ALA B 351 -0.07 -0.81 -12.13
C ALA B 351 0.79 -1.99 -11.92
N VAL B 352 1.06 -2.73 -13.01
CA VAL B 352 2.05 -3.82 -13.02
C VAL B 352 3.08 -3.39 -14.03
N TYR B 353 4.40 -3.51 -13.64
CA TYR B 353 5.47 -2.93 -14.46
C TYR B 353 6.43 -4.06 -14.83
N ARG B 354 7.17 -3.78 -15.90
CA ARG B 354 8.21 -4.69 -16.43
C ARG B 354 9.38 -3.84 -16.84
N PRO B 355 10.55 -4.42 -16.83
CA PRO B 355 11.65 -3.65 -17.50
C PRO B 355 11.33 -3.55 -18.99
N ASN B 356 11.75 -2.41 -19.62
CA ASN B 356 11.59 -2.34 -21.08
C ASN B 356 12.54 -3.30 -21.78
N ALA B 357 12.39 -3.34 -23.09
CA ALA B 357 13.03 -4.36 -23.88
C ALA B 357 14.57 -4.34 -23.74
N GLU B 358 15.16 -3.17 -23.50
CA GLU B 358 16.59 -3.06 -23.31
C GLU B 358 17.06 -3.12 -21.85
N GLY B 359 16.11 -3.24 -20.93
CA GLY B 359 16.47 -3.26 -19.49
C GLY B 359 16.93 -1.90 -18.93
N LYS B 360 16.54 -0.78 -19.56
CA LYS B 360 17.06 0.50 -19.22
C LYS B 360 16.07 1.34 -18.44
N ALA B 361 14.78 1.00 -18.55
CA ALA B 361 13.83 1.83 -17.82
C ALA B 361 12.69 0.89 -17.49
N ILE B 362 11.93 1.25 -16.43
CA ILE B 362 10.72 0.51 -16.10
C ILE B 362 9.60 1.05 -16.92
N GLU B 363 8.67 0.16 -17.36
CA GLU B 363 7.42 0.67 -18.03
C GLU B 363 6.25 -0.07 -17.47
N ALA B 364 5.08 0.55 -17.56
CA ALA B 364 3.83 -0.19 -17.23
C ALA B 364 3.60 -1.25 -18.31
N VAL B 365 3.11 -2.43 -17.88
CA VAL B 365 2.75 -3.45 -18.85
C VAL B 365 1.55 -2.90 -19.65
N PRO B 366 1.66 -2.94 -21.00
CA PRO B 366 0.49 -2.42 -21.83
C PRO B 366 -0.83 -3.04 -21.50
N ASP B 367 -1.87 -2.21 -21.66
CA ASP B 367 -3.30 -2.70 -21.48
C ASP B 367 -3.46 -3.37 -20.15
N SER B 368 -2.95 -2.72 -19.09
CA SER B 368 -3.13 -3.23 -17.73
C SER B 368 -3.25 -2.06 -16.73
N GLY B 369 -3.55 -2.37 -15.48
CA GLY B 369 -3.51 -1.29 -14.43
C GLY B 369 -4.64 -0.26 -14.62
N GLY B 370 -4.48 0.84 -13.97
CA GLY B 370 -5.37 2.02 -14.13
C GLY B 370 -6.07 2.30 -12.79
N ILE B 371 -7.15 3.06 -12.93
CA ILE B 371 -7.78 3.62 -11.71
C ILE B 371 -9.17 3.01 -11.55
N THR B 372 -9.70 2.93 -10.32
CA THR B 372 -11.17 2.70 -10.20
C THR B 372 -11.94 3.52 -11.25
N PRO B 373 -12.86 2.89 -12.01
CA PRO B 373 -13.45 3.66 -13.06
C PRO B 373 -14.24 4.85 -12.55
N VAL B 374 -14.32 5.88 -13.40
CA VAL B 374 -15.09 7.07 -13.02
C VAL B 374 -16.58 6.76 -12.80
N ASP B 375 -17.07 5.73 -13.51
CA ASP B 375 -18.45 5.37 -13.28
C ASP B 375 -18.59 4.08 -12.46
N ALA B 376 -17.57 3.80 -11.61
CA ALA B 376 -17.71 2.63 -10.70
C ALA B 376 -18.93 2.62 -9.79
N PRO B 377 -19.59 1.46 -9.67
CA PRO B 377 -20.80 1.32 -8.88
C PRO B 377 -20.52 1.30 -7.39
N ASP B 378 -21.53 1.58 -6.60
CA ASP B 378 -21.33 1.66 -5.20
C ASP B 378 -20.79 0.41 -4.54
N TRP B 379 -21.13 -0.76 -5.09
CA TRP B 379 -20.57 -2.02 -4.46
C TRP B 379 -19.03 -1.97 -4.59
N VAL B 380 -18.52 -1.45 -5.70
CA VAL B 380 -17.02 -1.35 -5.87
C VAL B 380 -16.46 -0.35 -4.83
N LEU B 381 -17.13 0.79 -4.73
CA LEU B 381 -16.59 1.88 -3.86
C LEU B 381 -16.61 1.48 -2.40
N GLU B 382 -17.65 0.69 -2.01
CA GLU B 382 -17.69 0.27 -0.62
C GLU B 382 -16.62 -0.83 -0.35
N ARG B 383 -16.51 -1.78 -1.26
CA ARG B 383 -15.56 -2.88 -0.96
C ARG B 383 -14.12 -2.35 -0.97
N GLU B 384 -13.86 -1.35 -1.83
CA GLU B 384 -12.47 -0.79 -1.90
C GLU B 384 -11.96 -0.37 -0.53
N VAL B 385 -12.79 0.17 0.37
CA VAL B 385 -12.24 0.59 1.68
C VAL B 385 -11.84 -0.65 2.48
N GLN B 386 -12.65 -1.74 2.43
CA GLN B 386 -12.26 -2.95 3.13
C GLN B 386 -10.97 -3.56 2.55
N TYR B 387 -10.86 -3.58 1.21
CA TYR B 387 -9.59 -4.06 0.60
C TYR B 387 -8.37 -3.12 0.94
N ALA B 388 -8.71 -1.81 1.11
CA ALA B 388 -7.60 -0.84 1.46
C ALA B 388 -7.13 -1.22 2.87
N HIS B 389 -8.05 -1.50 3.80
CA HIS B 389 -7.60 -1.90 5.15
C HIS B 389 -6.84 -3.18 5.10
N SER B 390 -7.24 -4.11 4.23
CA SER B 390 -6.59 -5.39 4.12
C SER B 390 -5.18 -5.19 3.53
N TRP B 391 -5.02 -4.32 2.53
CA TRP B 391 -3.67 -3.99 2.00
C TRP B 391 -2.79 -3.47 3.13
N TYR B 392 -3.38 -2.61 3.97
CA TYR B 392 -2.56 -2.02 5.03
C TYR B 392 -2.05 -3.18 5.96
N ASN B 393 -2.97 -4.03 6.45
CA ASN B 393 -2.47 -5.12 7.30
C ASN B 393 -1.50 -6.08 6.68
N ASN B 394 -1.75 -6.35 5.41
CA ASN B 394 -0.82 -7.27 4.72
C ASN B 394 0.53 -6.65 4.40
N ILE B 395 0.59 -5.40 3.91
CA ILE B 395 1.89 -4.85 3.53
C ILE B 395 2.72 -4.62 4.82
N VAL B 396 2.03 -4.25 5.89
CA VAL B 396 2.79 -4.06 7.14
C VAL B 396 3.44 -5.38 7.61
N HIS B 397 2.71 -6.49 7.62
CA HIS B 397 3.33 -7.72 7.99
C HIS B 397 4.37 -8.18 7.01
N ASP B 398 4.13 -7.98 5.71
CA ASP B 398 5.08 -8.50 4.77
C ASP B 398 6.43 -7.73 4.91
N THR B 399 6.33 -6.43 5.19
CA THR B 399 7.52 -5.56 5.33
C THR B 399 8.24 -5.83 6.59
N PHE B 400 7.50 -5.83 7.72
CA PHE B 400 8.17 -5.81 9.04
C PHE B 400 7.99 -7.06 9.85
N GLY B 401 7.13 -7.98 9.43
CA GLY B 401 6.70 -9.09 10.31
C GLY B 401 7.59 -10.29 10.19
FE HEC C . -5.52 -10.46 -5.88
CHA HEC C . -8.82 -11.68 -5.61
CHB HEC C . -4.40 -13.53 -6.93
CHC HEC C . -2.40 -9.13 -6.56
CHD HEC C . -6.50 -7.50 -4.38
NA HEC C . -6.41 -12.26 -6.18
C1A HEC C . -7.73 -12.59 -5.99
C2A HEC C . -8.00 -13.96 -6.27
C3A HEC C . -6.72 -14.46 -6.71
C4A HEC C . -5.78 -13.38 -6.57
CMA HEC C . -6.40 -15.88 -7.04
CAA HEC C . -9.31 -14.74 -6.20
CBA HEC C . -9.20 -15.61 -4.90
CGA HEC C . -10.33 -16.69 -4.92
O1A HEC C . -10.95 -16.98 -5.98
O2A HEC C . -10.58 -17.14 -3.76
NB HEC C . -3.82 -11.15 -6.62
C1B HEC C . -3.52 -12.47 -6.91
C2B HEC C . -2.20 -12.67 -7.44
C3B HEC C . -1.66 -11.37 -7.35
C4B HEC C . -2.63 -10.52 -6.80
CMB HEC C . -1.61 -13.97 -7.90
CAB HEC C . -0.32 -10.83 -7.57
CBB HEC C . 0.52 -11.24 -8.65
NC HEC C . -4.64 -8.68 -5.52
C1C HEC C . -3.38 -8.34 -5.90
C2C HEC C . -3.09 -6.94 -5.49
C3C HEC C . -4.26 -6.49 -4.91
C4C HEC C . -5.19 -7.60 -4.94
CMC HEC C . -1.78 -6.21 -5.77
CAC HEC C . -4.64 -5.30 -4.18
CBC HEC C . -3.97 -4.05 -4.51
ND HEC C . -7.25 -9.76 -5.15
C1D HEC C . -7.47 -8.47 -4.65
C2D HEC C . -8.86 -8.31 -4.33
C3D HEC C . -9.54 -9.44 -4.73
C4D HEC C . -8.51 -10.35 -5.19
CMD HEC C . -9.45 -7.11 -3.72
CAD HEC C . -11.03 -9.67 -4.74
CBD HEC C . -11.49 -9.36 -6.20
CGD HEC C . -11.47 -7.88 -6.63
O1D HEC C . -12.38 -7.15 -6.12
O2D HEC C . -10.60 -7.39 -7.38
FE HEC D . -19.74 -23.36 -4.78
CHA HEC D . -17.22 -21.37 -6.01
CHB HEC D . -20.06 -21.28 -2.14
CHC HEC D . -22.53 -25.09 -3.78
CHD HEC D . -19.17 -25.64 -7.15
NA HEC D . -18.75 -21.68 -4.17
C1A HEC D . -17.80 -20.99 -4.80
C2A HEC D . -17.36 -19.85 -4.06
C3A HEC D . -18.21 -19.77 -2.93
C4A HEC D . -19.13 -20.96 -3.17
CMA HEC D . -18.21 -18.68 -1.86
CAA HEC D . -16.26 -18.89 -4.48
CBA HEC D . -14.91 -19.26 -3.73
CGA HEC D . -13.85 -18.15 -3.87
O1A HEC D . -14.14 -17.11 -4.47
O2A HEC D . -12.72 -18.54 -3.43
NB HEC D . -21.01 -23.18 -3.29
C1B HEC D . -21.06 -22.32 -2.29
C2B HEC D . -22.07 -22.43 -1.27
C3B HEC D . -22.79 -23.53 -1.82
C4B HEC D . -22.12 -23.96 -3.01
CMB HEC D . -22.42 -21.66 -0.03
CAB HEC D . -24.03 -24.24 -1.32
CBB HEC D . -24.78 -23.60 -0.22
NC HEC D . -20.72 -25.06 -5.35
C1C HEC D . -21.85 -25.65 -4.82
C2C HEC D . -22.21 -26.79 -5.55
C3C HEC D . -21.20 -26.95 -6.48
C4C HEC D . -20.29 -25.79 -6.31
CMC HEC D . -23.43 -27.63 -5.20
CAC HEC D . -20.94 -27.96 -7.50
CBC HEC D . -21.86 -28.95 -8.12
ND HEC D . -18.48 -23.49 -6.29
C1D HEC D . -18.33 -24.44 -7.19
C2D HEC D . -17.36 -24.30 -8.26
C3D HEC D . -16.84 -22.99 -7.97
C4D HEC D . -17.54 -22.62 -6.76
CMD HEC D . -16.99 -25.18 -9.40
CAD HEC D . -15.90 -22.22 -8.84
CBD HEC D . -16.74 -21.18 -9.63
CBD HEC D . -16.86 -21.30 -9.69
CGD HEC D . -15.83 -20.61 -10.67
CGD HEC D . -17.84 -22.07 -10.62
O1D HEC D . -15.21 -19.57 -10.31
O1D HEC D . -17.39 -22.47 -11.67
O2D HEC D . -15.59 -21.16 -11.79
O2D HEC D . -19.08 -22.29 -10.27
C1 GOL E . -13.88 -12.71 -6.66
O1 GOL E . -12.57 -12.68 -5.93
C2 GOL E . -14.91 -12.76 -5.49
O2 GOL E . -16.22 -13.01 -6.04
C3 GOL E . -15.03 -11.37 -4.74
O3 GOL E . -15.25 -10.24 -5.68
C1 GOL F . 4.95 -8.82 -17.39
O1 GOL F . 4.34 -8.89 -16.09
C2 GOL F . 5.37 -10.19 -17.90
O2 GOL F . 4.27 -11.00 -18.29
C3 GOL F . 6.18 -10.86 -16.78
O3 GOL F . 6.66 -12.13 -17.36
N NO3 G . -30.37 -15.99 -5.54
O1 NO3 G . -30.25 -14.85 -5.34
O2 NO3 G . -29.27 -16.84 -5.65
O3 NO3 G . -31.60 -16.49 -5.61
PA FAD H . 10.38 5.62 4.74
O1A FAD H . 9.33 4.53 4.91
O2A FAD H . 10.13 7.03 5.16
O5B FAD H . 11.67 5.14 5.54
C5B FAD H . 12.96 5.90 5.45
C4B FAD H . 13.63 5.50 6.79
O4B FAD H . 14.98 6.02 6.69
C3B FAD H . 13.00 6.29 7.99
O3B FAD H . 12.51 5.41 9.00
C2B FAD H . 14.14 7.20 8.46
O2B FAD H . 14.20 7.40 9.89
C1B FAD H . 15.39 6.41 7.97
N9A FAD H . 16.57 7.22 7.73
C8A FAD H . 16.58 8.42 7.08
N7A FAD H . 17.87 8.93 7.08
C5A FAD H . 18.62 7.99 7.75
C6A FAD H . 20.02 7.90 8.12
N6A FAD H . 20.92 8.89 7.80
N1A FAD H . 20.36 6.79 8.72
C2A FAD H . 19.58 5.75 9.02
N3A FAD H . 18.26 5.77 8.73
C4A FAD H . 17.83 6.90 8.15
N1 FAD H . 2.07 4.54 0.21
C2 FAD H . 1.25 3.55 -0.31
O2 FAD H . 1.77 2.55 -0.90
N3 FAD H . -0.08 3.62 -0.28
C4 FAD H . -0.73 4.62 0.45
O4 FAD H . -1.98 4.64 0.44
C4X FAD H . 0.05 5.71 0.98
N5 FAD H . -0.49 6.73 1.57
C5X FAD H . 0.28 7.69 2.14
C6 FAD H . -0.34 8.72 2.76
C7 FAD H . 0.43 9.70 3.39
C7M FAD H . -0.17 10.93 4.16
C8 FAD H . 1.84 9.61 3.39
C8M FAD H . 2.73 10.58 4.10
C9 FAD H . 2.44 8.56 2.70
C9A FAD H . 1.69 7.60 2.06
N10 FAD H . 2.31 6.48 1.38
C10 FAD H . 1.47 5.50 0.91
C1' FAD H . 3.82 6.50 1.05
C2' FAD H . 4.74 5.78 1.95
O2' FAD H . 4.66 6.45 3.19
C3' FAD H . 6.15 6.00 1.38
O3' FAD H . 6.15 6.03 -0.09
C4' FAD H . 7.09 4.87 1.84
O4' FAD H . 7.04 4.76 3.26
C5' FAD H . 8.53 5.10 1.34
O5' FAD H . 9.37 4.07 1.85
P FAD H . 10.90 4.49 2.11
O1P FAD H . 11.62 3.32 2.69
O2P FAD H . 11.43 5.15 0.89
O3P FAD H . 10.87 5.70 3.22
C1 GOL I . -6.29 12.26 19.14
O1 GOL I . -7.09 12.97 20.12
C2 GOL I . -4.85 12.86 19.04
O2 GOL I . -4.21 12.86 20.32
C3 GOL I . -4.01 12.10 17.98
O3 GOL I . -3.88 10.72 18.41
N NO3 J . -19.72 6.78 2.84
O1 NO3 J . -19.37 6.31 1.79
O2 NO3 J . -20.86 7.53 2.83
O3 NO3 J . -19.07 6.59 4.01
#